data_3VAX
#
_entry.id   3VAX
#
_cell.length_a   77.900
_cell.length_b   67.280
_cell.length_c   85.560
_cell.angle_alpha   90.000
_cell.angle_beta   97.040
_cell.angle_gamma   90.000
#
_symmetry.space_group_name_H-M   'P 1 2 1'
#
loop_
_entity.id
_entity.type
_entity.pdbx_description
1 polymer 'Putative uncharacterized protein dndA'
2 non-polymer "PYRIDOXAL-5'-PHOSPHATE"
3 water water
#
_entity_poly.entity_id   1
_entity_poly.type   'polypeptide(L)'
_entity_poly.pdbx_seq_one_letter_code
;MGSSHHHHHHSSGLVPRGSHMTYLDAAATTRVDQRVADIVLHWMTAEFGNAGSRHEYGIRAKRGVERAREYLASTVSAEP
DELIFTSGATESNNIALLGLAPYGERTGRRHIITSAIEHKAVLEPLEHLAGRGFEVDFLTPGPSGRISVEGVMERLRPDT
LLVSLMHVNNETGVIQPVAELAQQLRATPTYLHVDAAQGYGKVPGDLTTPIDMISISGHKIGAPKGVGALVTRRREEMDD
ERVPLEPIMFGGGQERKLRPGTLPVPLIMGLAEAAKIFEAEHAQWQVAAQDLRSRLLAGLASTSFQVNGDQDHVVPHILN
LSFEDVDAEAFLVTLKDLVAVATGSASTSASFTPSHVLRAMGLPEEAASKSLRFSWTPGQATDLDVEELARGVAKLKPSY
;
_entity_poly.pdbx_strand_id   A,B
#
# COMPACT_ATOMS: atom_id res chain seq x y z
N THR A 22 16.76 36.14 -12.89
CA THR A 22 16.70 35.47 -14.22
C THR A 22 16.02 34.10 -14.13
N TYR A 23 14.78 34.02 -14.62
CA TYR A 23 13.99 32.79 -14.57
C TYR A 23 13.87 32.16 -15.96
N LEU A 24 14.38 30.94 -16.10
CA LEU A 24 14.54 30.33 -17.42
C LEU A 24 13.68 29.09 -17.62
N ASP A 25 12.80 28.83 -16.65
CA ASP A 25 12.00 27.60 -16.65
C ASP A 25 10.64 27.81 -17.29
N ALA A 26 9.94 26.71 -17.53
CA ALA A 26 8.56 26.70 -18.01
C ALA A 26 7.64 26.07 -16.95
N ALA A 27 6.34 26.35 -17.03
CA ALA A 27 5.39 25.93 -15.98
C ALA A 27 4.41 24.83 -16.41
N ALA A 28 4.94 23.64 -16.71
CA ALA A 28 4.15 22.55 -17.28
C ALA A 28 3.00 22.01 -16.42
N THR A 29 3.33 21.46 -15.25
CA THR A 29 2.35 20.73 -14.43
C THR A 29 1.45 21.64 -13.59
N THR A 30 0.16 21.30 -13.53
CA THR A 30 -0.82 22.14 -12.84
C THR A 30 -1.45 21.52 -11.60
N ARG A 31 -1.48 20.19 -11.52
CA ARG A 31 -2.08 19.52 -10.35
C ARG A 31 -1.04 19.10 -9.32
N VAL A 32 0.22 19.19 -9.72
CA VAL A 32 1.35 18.86 -8.85
C VAL A 32 2.42 19.90 -9.14
N ASP A 33 2.94 20.55 -8.10
CA ASP A 33 4.06 21.47 -8.23
C ASP A 33 5.20 20.83 -9.00
N GLN A 34 5.80 21.58 -9.91
CA GLN A 34 6.86 21.09 -10.78
C GLN A 34 8.07 20.52 -10.03
N ARG A 35 8.42 21.12 -8.89
CA ARG A 35 9.53 20.61 -8.08
C ARG A 35 9.23 19.21 -7.53
N VAL A 36 7.96 18.97 -7.18
CA VAL A 36 7.54 17.68 -6.68
C VAL A 36 7.57 16.67 -7.82
N ALA A 37 7.05 17.07 -8.98
CA ALA A 37 7.03 16.24 -10.17
C ALA A 37 8.43 15.79 -10.53
N ASP A 38 9.38 16.74 -10.57
CA ASP A 38 10.77 16.47 -10.96
C ASP A 38 11.45 15.44 -10.06
N ILE A 39 11.33 15.64 -8.77
CA ILE A 39 11.94 14.73 -7.80
C ILE A 39 11.42 13.30 -7.96
N VAL A 40 10.09 13.18 -8.11
CA VAL A 40 9.44 11.90 -8.39
C VAL A 40 10.03 11.28 -9.66
N LEU A 41 10.10 12.07 -10.73
CA LEU A 41 10.63 11.60 -12.00
C LEU A 41 12.09 11.17 -11.92
N HIS A 42 12.91 11.97 -11.24
CA HIS A 42 14.32 11.63 -11.06
C HIS A 42 14.48 10.26 -10.40
N TRP A 43 13.72 10.02 -9.34
CA TRP A 43 13.80 8.76 -8.60
C TRP A 43 13.27 7.57 -9.39
N MET A 44 12.19 7.77 -10.15
CA MET A 44 11.68 6.71 -11.01
C MET A 44 12.66 6.28 -12.09
N THR A 45 13.26 7.24 -12.79
CA THR A 45 14.23 6.91 -13.82
C THR A 45 15.46 6.26 -13.21
N ALA A 46 15.81 6.62 -11.98
CA ALA A 46 16.90 5.96 -11.26
C ALA A 46 16.52 4.51 -10.94
N GLU A 47 15.27 4.30 -10.53
CA GLU A 47 14.74 2.96 -10.28
C GLU A 47 14.63 2.11 -11.55
N PHE A 48 14.23 2.73 -12.66
CA PHE A 48 14.09 2.03 -13.95
C PHE A 48 15.41 1.91 -14.71
N GLY A 49 16.21 2.97 -14.67
CA GLY A 49 17.31 3.17 -15.62
C GLY A 49 18.59 2.49 -15.26
N ASN A 50 19.64 2.81 -16.01
CA ASN A 50 20.99 2.34 -15.76
C ASN A 50 21.74 3.29 -14.82
N ALA A 51 21.08 3.65 -13.73
CA ALA A 51 21.70 4.46 -12.69
C ALA A 51 22.53 3.55 -11.79
N GLY A 52 23.79 3.36 -12.18
CA GLY A 52 24.71 2.47 -11.47
C GLY A 52 24.35 1.01 -11.67
N SER A 53 24.42 0.24 -10.59
CA SER A 53 23.93 -1.14 -10.59
C SER A 53 22.87 -1.27 -9.51
N ARG A 54 22.14 -2.38 -9.53
CA ARG A 54 21.05 -2.67 -8.58
C ARG A 54 21.47 -2.35 -7.14
N HIS A 55 22.70 -2.71 -6.80
CA HIS A 55 23.30 -2.41 -5.50
C HIS A 55 23.45 -0.90 -5.26
N GLU A 56 24.19 -0.21 -6.13
CA GLU A 56 24.49 1.22 -5.97
C GLU A 56 23.24 2.11 -5.83
N TYR A 57 22.18 1.74 -6.53
CA TYR A 57 20.90 2.41 -6.39
C TYR A 57 20.28 2.09 -5.04
N GLY A 58 20.48 0.86 -4.58
CA GLY A 58 19.97 0.40 -3.29
C GLY A 58 20.50 1.24 -2.15
N ILE A 59 21.80 1.51 -2.18
CA ILE A 59 22.42 2.40 -1.20
C ILE A 59 21.77 3.78 -1.30
N ARG A 60 21.71 4.33 -2.51
CA ARG A 60 21.07 5.63 -2.78
C ARG A 60 19.63 5.72 -2.28
N ALA A 61 18.83 4.70 -2.59
CA ALA A 61 17.42 4.68 -2.18
C ALA A 61 17.23 4.64 -0.67
N LYS A 62 18.08 3.86 0.00
CA LYS A 62 18.09 3.75 1.45
C LYS A 62 18.37 5.08 2.13
N ARG A 63 19.40 5.78 1.67
CA ARG A 63 19.77 7.07 2.25
C ARG A 63 18.71 8.13 1.99
N GLY A 64 18.12 8.08 0.80
CA GLY A 64 17.03 8.96 0.42
C GLY A 64 15.80 8.78 1.30
N VAL A 65 15.39 7.53 1.52
CA VAL A 65 14.24 7.23 2.39
C VAL A 65 14.50 7.73 3.82
N GLU A 66 15.71 7.50 4.32
CA GLU A 66 16.07 7.96 5.66
C GLU A 66 16.13 9.48 5.79
N ARG A 67 16.59 10.16 4.73
CA ARG A 67 16.54 11.63 4.69
C ARG A 67 15.11 12.16 4.69
N ALA A 68 14.24 11.52 3.89
CA ALA A 68 12.81 11.84 3.87
C ALA A 68 12.16 11.64 5.22
N ARG A 69 12.47 10.51 5.85
CA ARG A 69 11.92 10.18 7.16
C ARG A 69 12.32 11.23 8.19
N GLU A 70 13.61 11.57 8.24
CA GLU A 70 14.13 12.55 9.19
C GLU A 70 13.54 13.95 8.98
N TYR A 71 13.46 14.39 7.73
CA TYR A 71 12.87 15.69 7.43
C TYR A 71 11.38 15.74 7.77
N LEU A 72 10.63 14.72 7.33
CA LEU A 72 9.22 14.65 7.62
C LEU A 72 8.92 14.62 9.13
N ALA A 73 9.64 13.78 9.86
CA ALA A 73 9.48 13.72 11.30
C ALA A 73 9.73 15.07 11.96
N SER A 74 10.74 15.79 11.48
CA SER A 74 11.11 17.09 12.04
C SER A 74 10.00 18.16 11.95
N THR A 75 9.18 18.08 10.90
CA THR A 75 8.09 19.06 10.69
C THR A 75 6.98 18.93 11.75
N VAL A 76 6.93 17.79 12.42
CA VAL A 76 6.03 17.61 13.55
C VAL A 76 6.78 17.50 14.90
N SER A 77 8.06 17.89 14.91
CA SER A 77 8.93 17.78 16.08
C SER A 77 9.00 16.34 16.61
N ALA A 78 9.29 15.42 15.70
CA ALA A 78 9.44 14.03 16.06
C ALA A 78 10.80 13.54 15.61
N GLU A 79 11.28 12.48 16.26
CA GLU A 79 12.53 11.85 15.88
C GLU A 79 12.26 10.94 14.69
N PRO A 80 13.29 10.68 13.87
CA PRO A 80 13.13 9.81 12.69
C PRO A 80 12.49 8.45 13.00
N ASP A 81 12.91 7.81 14.09
CA ASP A 81 12.35 6.52 14.48
C ASP A 81 10.87 6.56 14.96
N GLU A 82 10.27 7.75 14.98
CA GLU A 82 8.88 7.92 15.37
C GLU A 82 7.94 8.09 14.17
N LEU A 83 8.44 7.83 12.95
CA LEU A 83 7.64 7.98 11.75
C LEU A 83 7.85 6.81 10.80
N ILE A 84 6.74 6.27 10.31
CA ILE A 84 6.75 5.27 9.24
C ILE A 84 6.08 5.79 7.99
N PHE A 85 6.46 5.24 6.85
CA PHE A 85 5.77 5.53 5.61
C PHE A 85 4.67 4.52 5.36
N THR A 86 3.61 4.97 4.70
CA THR A 86 2.47 4.10 4.43
C THR A 86 2.00 4.35 3.00
N SER A 87 1.00 3.58 2.57
CA SER A 87 0.47 3.72 1.22
C SER A 87 -0.59 4.82 1.14
N GLY A 88 -0.86 5.48 2.26
CA GLY A 88 -1.87 6.53 2.32
C GLY A 88 -2.37 6.77 3.73
N ALA A 89 -3.15 7.83 3.91
CA ALA A 89 -3.72 8.13 5.23
C ALA A 89 -4.71 7.05 5.66
N THR A 90 -5.32 6.41 4.66
CA THR A 90 -6.21 5.28 4.88
C THR A 90 -5.49 4.15 5.64
N GLU A 91 -4.36 3.73 5.09
CA GLU A 91 -3.55 2.70 5.73
C GLU A 91 -2.99 3.21 7.07
N SER A 92 -2.57 4.47 7.13
CA SER A 92 -2.10 5.06 8.39
C SER A 92 -3.16 4.96 9.46
N ASN A 93 -4.39 5.33 9.11
CA ASN A 93 -5.49 5.27 10.08
C ASN A 93 -5.76 3.86 10.58
N ASN A 94 -5.73 2.87 9.69
CA ASN A 94 -5.97 1.49 10.08
C ASN A 94 -4.87 0.94 11.00
N ILE A 95 -3.61 1.20 10.62
CA ILE A 95 -2.46 0.83 11.42
C ILE A 95 -2.54 1.39 12.83
N ALA A 96 -2.89 2.67 12.93
CA ALA A 96 -2.99 3.37 14.19
C ALA A 96 -4.12 2.84 15.09
N LEU A 97 -5.30 2.65 14.50
CA LEU A 97 -6.50 2.32 15.27
C LEU A 97 -6.67 0.82 15.55
N LEU A 98 -6.64 0.01 14.51
CA LEU A 98 -6.68 -1.44 14.68
C LEU A 98 -5.40 -1.96 15.36
N GLY A 99 -4.26 -1.31 15.09
CA GLY A 99 -3.01 -1.64 15.75
C GLY A 99 -3.02 -1.52 17.26
N LEU A 100 -3.89 -0.67 17.80
CA LEU A 100 -4.05 -0.51 19.25
C LEU A 100 -5.03 -1.47 19.92
N ALA A 101 -5.84 -2.18 19.13
CA ALA A 101 -6.87 -3.09 19.66
C ALA A 101 -6.36 -4.20 20.58
N PRO A 102 -5.26 -4.90 20.19
CA PRO A 102 -4.75 -5.96 21.08
C PRO A 102 -4.27 -5.44 22.45
N TYR A 103 -3.61 -4.27 22.46
CA TYR A 103 -3.20 -3.63 23.70
C TYR A 103 -4.42 -3.31 24.56
N GLY A 104 -5.48 -2.86 23.90
CA GLY A 104 -6.76 -2.58 24.55
C GLY A 104 -7.38 -3.79 25.22
N GLU A 105 -7.35 -4.92 24.51
CA GLU A 105 -7.87 -6.19 25.07
C GLU A 105 -7.00 -6.65 26.22
N ARG A 106 -5.69 -6.47 26.09
CA ARG A 106 -4.74 -6.93 27.10
C ARG A 106 -4.82 -6.14 28.42
N THR A 107 -5.14 -4.85 28.32
CA THR A 107 -5.16 -3.99 29.50
C THR A 107 -6.58 -3.63 29.96
N GLY A 108 -7.59 -4.19 29.29
CA GLY A 108 -8.99 -3.90 29.63
C GLY A 108 -9.36 -2.45 29.35
N ARG A 109 -8.82 -1.91 28.26
CA ARG A 109 -9.09 -0.55 27.84
C ARG A 109 -9.78 -0.61 26.49
N ARG A 110 -11.10 -0.66 26.53
CA ARG A 110 -11.90 -0.90 25.34
C ARG A 110 -12.84 0.25 25.01
N HIS A 111 -12.69 1.37 25.71
CA HIS A 111 -13.48 2.58 25.43
C HIS A 111 -12.72 3.48 24.46
N ILE A 112 -13.38 3.85 23.37
CA ILE A 112 -12.81 4.76 22.39
C ILE A 112 -13.75 5.95 22.19
N ILE A 113 -13.17 7.15 22.10
CA ILE A 113 -13.93 8.35 21.81
C ILE A 113 -13.48 8.89 20.45
N THR A 114 -14.44 9.17 19.58
CA THR A 114 -14.15 9.76 18.29
C THR A 114 -15.26 10.74 17.91
N SER A 115 -15.18 11.33 16.72
CA SER A 115 -16.29 12.17 16.24
C SER A 115 -17.08 11.49 15.10
N ALA A 116 -18.35 11.86 14.99
CA ALA A 116 -19.20 11.36 13.90
C ALA A 116 -18.92 12.05 12.56
N ILE A 117 -18.05 13.06 12.57
CA ILE A 117 -17.67 13.78 11.34
C ILE A 117 -16.35 13.27 10.72
N GLU A 118 -15.76 12.23 11.31
CA GLU A 118 -14.52 11.66 10.76
C GLU A 118 -14.67 11.16 9.34
N HIS A 119 -13.54 11.07 8.66
CA HIS A 119 -13.48 10.46 7.35
C HIS A 119 -13.77 8.97 7.54
N LYS A 120 -14.27 8.32 6.51
CA LYS A 120 -14.62 6.90 6.59
C LYS A 120 -13.44 6.00 7.00
N ALA A 121 -12.20 6.45 6.77
CA ALA A 121 -11.01 5.68 7.15
C ALA A 121 -10.69 5.75 8.65
N VAL A 122 -11.46 6.54 9.38
CA VAL A 122 -11.44 6.49 10.84
C VAL A 122 -12.74 5.85 11.34
N LEU A 123 -13.88 6.32 10.82
CA LEU A 123 -15.18 5.75 11.16
C LEU A 123 -15.26 4.24 10.98
N GLU A 124 -14.91 3.74 9.80
CA GLU A 124 -15.07 2.31 9.50
C GLU A 124 -14.17 1.37 10.34
N PRO A 125 -12.87 1.68 10.45
CA PRO A 125 -12.08 0.86 11.37
C PRO A 125 -12.68 0.82 12.80
N LEU A 126 -13.18 1.95 13.28
CA LEU A 126 -13.78 2.02 14.62
C LEU A 126 -15.15 1.34 14.73
N GLU A 127 -15.94 1.35 13.66
CA GLU A 127 -17.18 0.57 13.64
C GLU A 127 -16.89 -0.92 13.61
N HIS A 128 -15.76 -1.28 13.00
CA HIS A 128 -15.30 -2.67 13.00
C HIS A 128 -14.94 -3.08 14.44
N LEU A 129 -14.25 -2.21 15.16
CA LEU A 129 -13.90 -2.48 16.55
C LEU A 129 -15.13 -2.53 17.47
N ALA A 130 -16.11 -1.67 17.21
CA ALA A 130 -17.38 -1.67 17.93
C ALA A 130 -18.11 -3.03 17.83
N GLY A 131 -18.01 -3.67 16.66
CA GLY A 131 -18.59 -5.02 16.48
C GLY A 131 -17.75 -6.13 17.10
N ARG A 132 -16.56 -5.79 17.60
CA ARG A 132 -15.64 -6.74 18.24
C ARG A 132 -15.45 -6.51 19.76
N GLY A 133 -16.39 -5.86 20.42
CA GLY A 133 -16.35 -5.74 21.89
C GLY A 133 -15.76 -4.46 22.45
N PHE A 134 -15.44 -3.51 21.57
CA PHE A 134 -15.04 -2.18 21.99
C PHE A 134 -16.26 -1.26 22.07
N GLU A 135 -16.23 -0.35 23.03
CA GLU A 135 -17.26 0.67 23.16
C GLU A 135 -16.79 1.96 22.51
N VAL A 136 -17.48 2.39 21.46
CA VAL A 136 -17.04 3.56 20.71
C VAL A 136 -18.09 4.67 20.74
N ASP A 137 -17.67 5.83 21.24
CA ASP A 137 -18.51 7.02 21.26
C ASP A 137 -18.23 7.91 20.05
N PHE A 138 -19.26 8.12 19.24
CA PHE A 138 -19.22 8.97 18.06
C PHE A 138 -19.85 10.33 18.34
N LEU A 139 -19.04 11.29 18.77
CA LEU A 139 -19.53 12.61 19.21
C LEU A 139 -19.96 13.49 18.05
N THR A 140 -21.09 14.14 18.23
CA THR A 140 -21.62 15.06 17.24
C THR A 140 -21.30 16.50 17.65
N PRO A 141 -20.65 17.27 16.76
CA PRO A 141 -20.22 18.64 17.05
C PRO A 141 -21.36 19.67 17.04
N GLY A 142 -22.42 19.41 16.29
CA GLY A 142 -23.46 20.43 16.05
C GLY A 142 -23.05 21.39 14.96
N PRO A 143 -23.82 22.49 14.78
CA PRO A 143 -23.72 23.44 13.65
C PRO A 143 -22.36 24.08 13.40
N SER A 144 -21.56 24.28 14.44
CA SER A 144 -20.20 24.83 14.27
C SER A 144 -19.30 23.89 13.47
N GLY A 145 -19.59 22.59 13.53
CA GLY A 145 -18.77 21.57 12.89
C GLY A 145 -17.46 21.34 13.61
N ARG A 146 -17.35 21.86 14.83
CA ARG A 146 -16.11 21.83 15.58
C ARG A 146 -16.34 21.15 16.93
N ILE A 147 -15.69 20.01 17.11
CA ILE A 147 -15.72 19.31 18.39
C ILE A 147 -15.11 20.23 19.46
N SER A 148 -15.70 20.21 20.64
CA SER A 148 -15.12 20.98 21.74
C SER A 148 -14.28 20.06 22.62
N VAL A 149 -13.28 20.66 23.25
CA VAL A 149 -12.43 19.96 24.20
C VAL A 149 -13.24 19.39 25.35
N GLU A 150 -14.10 20.21 25.95
CA GLU A 150 -15.02 19.78 27.01
C GLU A 150 -15.79 18.52 26.62
N GLY A 151 -16.34 18.52 25.42
CA GLY A 151 -17.12 17.40 24.89
C GLY A 151 -16.38 16.07 24.91
N VAL A 152 -15.08 16.11 24.65
CA VAL A 152 -14.23 14.92 24.74
C VAL A 152 -13.91 14.60 26.19
N MET A 153 -13.36 15.60 26.91
CA MET A 153 -12.88 15.43 28.28
C MET A 153 -13.97 15.00 29.25
N GLU A 154 -15.21 15.39 28.95
CA GLU A 154 -16.39 14.97 29.72
C GLU A 154 -16.61 13.46 29.66
N ARG A 155 -16.24 12.85 28.53
CA ARG A 155 -16.47 11.42 28.29
C ARG A 155 -15.26 10.58 28.69
N LEU A 156 -14.13 11.22 28.96
CA LEU A 156 -12.88 10.54 29.31
C LEU A 156 -13.06 9.68 30.55
N ARG A 157 -12.62 8.43 30.48
CA ARG A 157 -12.67 7.50 31.62
C ARG A 157 -11.27 6.97 31.93
N PRO A 158 -11.08 6.38 33.12
CA PRO A 158 -9.79 5.75 33.45
C PRO A 158 -9.38 4.67 32.45
N ASP A 159 -10.37 4.04 31.80
CA ASP A 159 -10.12 2.94 30.86
C ASP A 159 -10.34 3.33 29.39
N THR A 160 -10.30 4.62 29.09
CA THR A 160 -10.37 5.06 27.71
C THR A 160 -9.04 4.81 27.04
N LEU A 161 -9.06 3.94 26.04
CA LEU A 161 -7.87 3.57 25.28
C LEU A 161 -7.37 4.69 24.37
N LEU A 162 -8.29 5.35 23.70
CA LEU A 162 -7.94 6.14 22.56
C LEU A 162 -8.99 7.20 22.28
N VAL A 163 -8.51 8.37 21.88
CA VAL A 163 -9.33 9.38 21.26
C VAL A 163 -8.80 9.53 19.86
N SER A 164 -9.70 9.50 18.87
CA SER A 164 -9.34 9.81 17.51
C SER A 164 -10.08 11.06 17.05
N LEU A 165 -9.34 12.10 16.68
CA LEU A 165 -9.98 13.33 16.24
C LEU A 165 -9.23 13.90 15.07
N MET A 166 -9.92 14.09 13.96
CA MET A 166 -9.32 14.65 12.76
C MET A 166 -8.81 16.06 13.03
N HIS A 167 -7.72 16.45 12.35
CA HIS A 167 -7.19 17.81 12.53
C HIS A 167 -8.13 18.84 11.88
N VAL A 168 -8.43 18.62 10.61
CA VAL A 168 -9.33 19.47 9.85
C VAL A 168 -10.37 18.58 9.16
N ASN A 169 -11.64 18.94 9.31
CA ASN A 169 -12.68 18.23 8.59
C ASN A 169 -12.51 18.45 7.08
N ASN A 170 -12.52 17.35 6.34
CA ASN A 170 -12.22 17.39 4.91
C ASN A 170 -13.37 17.97 4.10
N GLU A 171 -14.58 17.81 4.59
CA GLU A 171 -15.75 18.33 3.87
C GLU A 171 -15.99 19.83 4.09
N THR A 172 -15.69 20.32 5.29
CA THR A 172 -16.07 21.68 5.70
C THR A 172 -14.88 22.62 5.89
N GLY A 173 -13.68 22.05 6.04
CA GLY A 173 -12.50 22.83 6.35
C GLY A 173 -12.39 23.28 7.80
N VAL A 174 -13.34 22.88 8.65
CA VAL A 174 -13.36 23.33 10.05
C VAL A 174 -12.25 22.67 10.89
N ILE A 175 -11.41 23.50 11.49
CA ILE A 175 -10.28 23.03 12.30
C ILE A 175 -10.75 22.59 13.68
N GLN A 176 -10.35 21.39 14.08
CA GLN A 176 -10.66 20.83 15.38
C GLN A 176 -9.54 21.18 16.37
N PRO A 177 -9.89 21.25 17.66
CA PRO A 177 -8.92 21.68 18.67
C PRO A 177 -8.02 20.53 19.15
N VAL A 178 -7.35 19.86 18.21
CA VAL A 178 -6.49 18.72 18.53
C VAL A 178 -5.26 19.12 19.35
N ALA A 179 -4.80 20.36 19.21
CA ALA A 179 -3.64 20.85 19.96
C ALA A 179 -3.95 21.01 21.46
N GLU A 180 -5.10 21.60 21.77
CA GLU A 180 -5.56 21.72 23.16
C GLU A 180 -5.75 20.35 23.80
N LEU A 181 -6.37 19.43 23.07
CA LEU A 181 -6.63 18.08 23.56
C LEU A 181 -5.36 17.30 23.83
N ALA A 182 -4.39 17.44 22.94
CA ALA A 182 -3.07 16.82 23.12
C ALA A 182 -2.45 17.23 24.45
N GLN A 183 -2.52 18.51 24.81
CA GLN A 183 -1.92 18.95 26.06
C GLN A 183 -2.58 18.26 27.27
N GLN A 184 -3.89 18.01 27.18
CA GLN A 184 -4.60 17.36 28.30
C GLN A 184 -4.50 15.83 28.29
N LEU A 185 -4.61 15.21 27.12
CA LEU A 185 -4.55 13.76 27.01
C LEU A 185 -3.17 13.16 27.26
N ARG A 186 -2.12 13.92 26.93
CA ARG A 186 -0.74 13.53 27.14
C ARG A 186 -0.46 13.23 28.62
N ALA A 187 -1.10 13.96 29.52
CA ALA A 187 -0.98 13.73 30.96
C ALA A 187 -1.84 12.55 31.45
N THR A 188 -2.49 11.83 30.55
CA THR A 188 -3.31 10.66 30.93
C THR A 188 -2.81 9.37 30.26
N PRO A 189 -3.29 8.19 30.71
CA PRO A 189 -2.94 6.94 30.02
C PRO A 189 -3.57 6.77 28.61
N THR A 190 -4.51 7.64 28.28
CA THR A 190 -5.21 7.60 26.99
C THR A 190 -4.34 8.11 25.83
N TYR A 191 -4.34 7.39 24.72
CA TYR A 191 -3.63 7.83 23.51
C TYR A 191 -4.48 8.75 22.63
N LEU A 192 -3.81 9.72 21.99
CA LEU A 192 -4.47 10.55 21.00
C LEU A 192 -3.98 10.25 19.61
N HIS A 193 -4.94 9.92 18.74
CA HIS A 193 -4.69 9.82 17.32
C HIS A 193 -5.35 11.00 16.59
N VAL A 194 -4.61 11.60 15.66
CA VAL A 194 -5.14 12.68 14.84
C VAL A 194 -4.98 12.29 13.37
N ASP A 195 -6.11 12.22 12.65
CA ASP A 195 -6.12 12.14 11.18
C ASP A 195 -5.89 13.56 10.66
N ALA A 196 -4.65 13.85 10.29
CA ALA A 196 -4.25 15.18 9.84
C ALA A 196 -4.09 15.27 8.34
N ALA A 197 -4.75 14.38 7.61
CA ALA A 197 -4.65 14.36 6.14
C ALA A 197 -4.96 15.72 5.53
N GLN A 198 -5.92 16.42 6.12
CA GLN A 198 -6.24 17.78 5.70
C GLN A 198 -5.61 18.89 6.55
N GLY A 199 -4.84 18.55 7.57
CA GLY A 199 -4.23 19.58 8.41
C GLY A 199 -2.74 19.70 8.24
N TYR A 200 -2.08 18.58 7.97
CA TYR A 200 -0.64 18.58 7.81
C TYR A 200 -0.23 19.64 6.78
N GLY A 201 0.79 20.42 7.12
CA GLY A 201 1.27 21.51 6.25
C GLY A 201 0.44 22.79 6.34
N LYS A 202 -0.85 22.65 6.53
CA LYS A 202 -1.76 23.80 6.48
C LYS A 202 -1.91 24.55 7.80
N VAL A 203 -1.87 23.81 8.90
CA VAL A 203 -1.85 24.39 10.24
C VAL A 203 -0.66 23.79 11.04
N PRO A 204 0.59 24.12 10.64
CA PRO A 204 1.74 23.34 11.13
C PRO A 204 1.86 23.30 12.66
N GLY A 205 1.69 24.46 13.31
CA GLY A 205 1.85 24.60 14.76
C GLY A 205 1.13 23.56 15.63
N ASP A 206 -0.08 23.19 15.20
CA ASP A 206 -0.91 22.24 15.96
C ASP A 206 -0.32 20.86 16.06
N LEU A 207 0.48 20.46 15.07
CA LEU A 207 0.98 19.09 14.99
C LEU A 207 2.35 18.90 15.63
N THR A 208 2.93 19.99 16.13
CA THR A 208 4.15 19.91 16.94
C THR A 208 3.83 19.56 18.40
N THR A 209 2.54 19.51 18.72
CA THR A 209 2.07 19.16 20.08
C THR A 209 2.15 17.65 20.31
N PRO A 210 2.20 17.19 21.59
CA PRO A 210 2.46 15.77 21.80
C PRO A 210 1.27 14.85 21.54
N ILE A 211 0.69 14.97 20.34
CA ILE A 211 -0.23 13.99 19.79
C ILE A 211 0.51 12.66 19.62
N ASP A 212 -0.08 11.57 20.12
CA ASP A 212 0.59 10.27 20.05
C ASP A 212 0.74 9.75 18.64
N MET A 213 -0.35 9.77 17.86
CA MET A 213 -0.32 9.27 16.49
C MET A 213 -0.93 10.25 15.50
N ILE A 214 -0.20 10.51 14.42
CA ILE A 214 -0.66 11.44 13.39
C ILE A 214 -0.61 10.75 12.03
N SER A 215 -1.76 10.70 11.36
CA SER A 215 -1.84 10.19 9.98
C SER A 215 -1.72 11.33 9.00
N ILE A 216 -0.89 11.12 7.97
CA ILE A 216 -0.58 12.12 6.97
C ILE A 216 -0.86 11.56 5.58
N SER A 217 -1.48 12.37 4.71
CA SER A 217 -1.73 11.96 3.34
C SER A 217 -0.88 12.74 2.35
N GLY A 218 -0.23 12.04 1.45
CA GLY A 218 0.60 12.71 0.45
C GLY A 218 -0.18 13.61 -0.49
N HIS A 219 -1.24 13.08 -1.12
CA HIS A 219 -1.87 13.82 -2.22
C HIS A 219 -2.66 15.04 -1.76
N LYS A 220 -2.99 15.08 -0.47
CA LYS A 220 -3.60 16.25 0.13
C LYS A 220 -2.68 17.47 0.16
N ILE A 221 -1.36 17.24 0.22
CA ILE A 221 -0.39 18.35 0.13
C ILE A 221 0.36 18.44 -1.21
N GLY A 222 -0.21 17.84 -2.25
CA GLY A 222 0.37 17.92 -3.59
C GLY A 222 1.44 16.90 -3.96
N ALA A 223 1.58 15.84 -3.16
CA ALA A 223 2.43 14.73 -3.56
C ALA A 223 1.60 13.73 -4.39
N PRO A 224 2.25 12.75 -5.07
CA PRO A 224 1.44 11.75 -5.79
C PRO A 224 0.51 10.94 -4.87
N LYS A 225 -0.58 10.41 -5.41
CA LYS A 225 -1.41 9.47 -4.67
C LYS A 225 -0.62 8.20 -4.41
N GLY A 226 -0.93 7.50 -3.32
CA GLY A 226 -0.35 6.20 -3.02
C GLY A 226 0.74 6.20 -1.96
N VAL A 227 0.84 7.31 -1.24
CA VAL A 227 1.83 7.42 -0.18
C VAL A 227 1.31 8.30 0.95
N GLY A 228 1.66 7.89 2.16
CA GLY A 228 1.35 8.65 3.36
C GLY A 228 2.36 8.35 4.46
N ALA A 229 2.01 8.73 5.68
CA ALA A 229 2.93 8.53 6.80
C ALA A 229 2.16 8.40 8.08
N LEU A 230 2.74 7.74 9.06
CA LEU A 230 2.18 7.68 10.40
C LEU A 230 3.24 8.01 11.44
N VAL A 231 2.97 9.04 12.23
CA VAL A 231 3.85 9.36 13.34
C VAL A 231 3.36 8.59 14.57
N THR A 232 4.30 7.93 15.23
CA THR A 232 4.06 7.26 16.51
C THR A 232 5.09 7.76 17.52
N ARG A 233 4.68 8.67 18.39
CA ARG A 233 5.59 9.29 19.35
C ARG A 233 5.90 8.35 20.52
N ARG A 234 7.12 8.44 21.02
CA ARG A 234 7.52 7.86 22.30
C ARG A 234 6.97 8.69 23.47
N ARG A 235 6.64 8.02 24.56
CA ARG A 235 6.39 8.68 25.83
C ARG A 235 7.51 8.30 26.79
N GLU A 236 8.24 9.32 27.25
CA GLU A 236 9.43 9.17 28.09
C GLU A 236 9.22 8.45 29.42
N GLU A 237 8.07 8.68 30.07
CA GLU A 237 7.81 8.07 31.38
C GLU A 237 7.71 6.57 31.26
N MET A 238 7.04 6.11 30.20
CA MET A 238 6.71 4.72 29.97
C MET A 238 7.94 4.01 29.44
N ASP A 239 8.87 3.68 30.33
CA ASP A 239 10.26 3.34 29.97
C ASP A 239 10.79 4.29 28.89
N ASP A 240 10.49 4.00 27.62
CA ASP A 240 10.65 4.97 26.52
C ASP A 240 9.84 4.46 25.31
N GLU A 241 8.70 3.84 25.60
CA GLU A 241 7.90 3.11 24.61
C GLU A 241 7.27 4.02 23.58
N ARG A 242 7.26 3.59 22.32
CA ARG A 242 6.32 4.18 21.37
C ARG A 242 4.96 3.58 21.68
N VAL A 243 3.93 4.11 21.03
CA VAL A 243 2.59 3.54 21.13
C VAL A 243 2.70 2.03 21.00
N PRO A 244 2.05 1.28 21.92
CA PRO A 244 2.17 -0.17 21.86
C PRO A 244 1.26 -0.75 20.75
N LEU A 245 1.60 -0.43 19.51
CA LEU A 245 0.88 -0.91 18.35
C LEU A 245 1.31 -2.32 17.99
N GLU A 246 0.36 -3.13 17.56
CA GLU A 246 0.68 -4.39 16.92
C GLU A 246 0.33 -4.33 15.44
N PRO A 247 1.12 -5.00 14.59
CA PRO A 247 0.89 -5.02 13.15
C PRO A 247 -0.44 -5.65 12.76
N ILE A 248 -0.99 -5.19 11.64
CA ILE A 248 -2.19 -5.79 11.09
C ILE A 248 -1.82 -6.59 9.85
N MET A 249 -0.59 -6.41 9.39
CA MET A 249 -0.03 -7.22 8.30
C MET A 249 1.36 -7.74 8.67
N PHE A 250 1.80 -8.79 7.99
CA PHE A 250 3.03 -9.50 8.37
C PHE A 250 3.83 -9.93 7.18
N GLY A 251 5.14 -10.02 7.37
CA GLY A 251 6.03 -10.54 6.34
C GLY A 251 7.08 -9.54 5.92
N GLY A 252 8.12 -9.40 6.71
CA GLY A 252 9.19 -8.47 6.42
C GLY A 252 9.40 -7.56 7.61
N GLY A 253 10.63 -7.06 7.74
CA GLY A 253 10.95 -6.16 8.85
C GLY A 253 10.64 -4.70 8.58
N GLN A 254 10.19 -4.37 7.38
CA GLN A 254 10.07 -2.98 6.92
C GLN A 254 9.19 -2.12 7.83
N GLU A 255 9.55 -0.84 7.92
CA GLU A 255 8.83 0.17 8.69
C GLU A 255 8.54 -0.30 10.13
N ARG A 256 9.59 -0.76 10.78
CA ARG A 256 9.56 -1.24 12.17
C ARG A 256 8.56 -2.39 12.36
N LYS A 257 8.43 -3.21 11.32
CA LYS A 257 7.44 -4.29 11.27
C LYS A 257 5.99 -3.82 11.18
N LEU A 258 5.75 -2.50 11.31
CA LEU A 258 4.39 -1.99 11.31
C LEU A 258 3.77 -1.94 9.93
N ARG A 259 4.60 -1.93 8.90
CA ARG A 259 4.13 -1.90 7.52
C ARG A 259 5.11 -2.68 6.62
N PRO A 260 4.94 -4.02 6.56
CA PRO A 260 5.80 -4.85 5.73
C PRO A 260 5.55 -4.67 4.23
N GLY A 261 6.47 -5.18 3.41
CA GLY A 261 6.43 -4.96 1.98
C GLY A 261 7.27 -3.74 1.62
N THR A 262 7.30 -3.41 0.33
CA THR A 262 8.12 -2.30 -0.15
C THR A 262 7.25 -1.18 -0.70
N LEU A 263 7.44 0.03 -0.17
CA LEU A 263 6.75 1.23 -0.70
C LEU A 263 7.53 1.78 -1.87
N PRO A 264 6.86 2.48 -2.80
CA PRO A 264 7.62 3.04 -3.92
C PRO A 264 8.43 4.24 -3.46
N VAL A 265 9.76 4.12 -3.57
CA VAL A 265 10.68 5.18 -3.19
C VAL A 265 10.39 6.53 -3.86
N PRO A 266 10.04 6.54 -5.16
CA PRO A 266 9.78 7.85 -5.78
C PRO A 266 8.66 8.65 -5.13
N LEU A 267 7.61 7.96 -4.69
CA LEU A 267 6.46 8.60 -4.07
C LEU A 267 6.78 9.11 -2.66
N ILE A 268 7.62 8.36 -1.95
CA ILE A 268 8.09 8.77 -0.63
C ILE A 268 8.87 10.07 -0.73
N MET A 269 9.77 10.13 -1.71
CA MET A 269 10.59 11.31 -1.93
C MET A 269 9.70 12.49 -2.39
N GLY A 270 8.68 12.18 -3.20
CA GLY A 270 7.65 13.16 -3.55
C GLY A 270 6.91 13.71 -2.34
N LEU A 271 6.61 12.83 -1.39
CA LEU A 271 5.94 13.25 -0.17
C LEU A 271 6.80 14.26 0.59
N ALA A 272 8.07 13.92 0.80
CA ALA A 272 9.00 14.79 1.50
C ALA A 272 9.17 16.14 0.81
N GLU A 273 9.23 16.15 -0.53
CA GLU A 273 9.36 17.40 -1.26
C GLU A 273 8.10 18.29 -1.15
N ALA A 274 6.93 17.67 -1.24
CA ALA A 274 5.66 18.37 -1.06
C ALA A 274 5.61 19.02 0.32
N ALA A 275 6.01 18.27 1.35
CA ALA A 275 6.11 18.78 2.71
C ALA A 275 7.06 19.98 2.82
N LYS A 276 8.23 19.86 2.19
CA LYS A 276 9.25 20.88 2.25
C LYS A 276 8.78 22.19 1.59
N ILE A 277 8.14 22.06 0.42
CA ILE A 277 7.51 23.20 -0.24
C ILE A 277 6.43 23.82 0.64
N PHE A 278 5.58 22.99 1.25
CA PHE A 278 4.53 23.52 2.12
C PHE A 278 5.03 24.26 3.35
N GLU A 279 6.06 23.71 3.99
CA GLU A 279 6.69 24.35 5.12
C GLU A 279 7.28 25.70 4.77
N ALA A 280 7.97 25.79 3.62
CA ALA A 280 8.68 27.01 3.22
C ALA A 280 7.77 28.10 2.64
N GLU A 281 6.71 27.71 1.96
CA GLU A 281 5.90 28.67 1.22
C GLU A 281 4.51 28.83 1.83
N HIS A 282 4.38 28.42 3.09
CA HIS A 282 3.13 28.47 3.82
C HIS A 282 2.47 29.85 3.87
N ALA A 283 3.28 30.88 4.09
CA ALA A 283 2.78 32.26 4.17
C ALA A 283 2.19 32.69 2.83
N GLN A 284 2.87 32.36 1.74
CA GLN A 284 2.40 32.64 0.38
C GLN A 284 1.09 31.92 0.10
N TRP A 285 1.05 30.63 0.44
CA TRP A 285 -0.15 29.81 0.27
C TRP A 285 -1.34 30.38 1.06
N GLN A 286 -1.07 30.77 2.30
CA GLN A 286 -2.07 31.33 3.21
C GLN A 286 -2.74 32.56 2.62
N VAL A 287 -1.93 33.48 2.10
CA VAL A 287 -2.41 34.74 1.58
C VAL A 287 -3.27 34.52 0.34
N ALA A 288 -2.73 33.79 -0.62
CA ALA A 288 -3.42 33.52 -1.88
C ALA A 288 -4.73 32.74 -1.68
N ALA A 289 -4.74 31.81 -0.74
CA ALA A 289 -5.94 31.03 -0.46
C ALA A 289 -7.03 31.91 0.17
N GLN A 290 -6.65 32.72 1.17
CA GLN A 290 -7.58 33.66 1.80
C GLN A 290 -8.07 34.71 0.83
N ASP A 291 -7.16 35.25 0.02
CA ASP A 291 -7.50 36.25 -1.00
C ASP A 291 -8.57 35.70 -1.95
N LEU A 292 -8.39 34.47 -2.42
CA LEU A 292 -9.40 33.83 -3.25
C LEU A 292 -10.69 33.58 -2.46
N ARG A 293 -10.56 33.12 -1.21
CA ARG A 293 -11.72 32.88 -0.36
C ARG A 293 -12.62 34.10 -0.25
N SER A 294 -12.02 35.26 0.03
CA SER A 294 -12.77 36.51 0.16
C SER A 294 -13.54 36.85 -1.11
N ARG A 295 -12.93 36.59 -2.26
CA ARG A 295 -13.54 36.89 -3.55
C ARG A 295 -14.68 35.93 -3.89
N LEU A 296 -14.54 34.68 -3.50
CA LEU A 296 -15.59 33.68 -3.69
C LEU A 296 -16.79 33.97 -2.79
N LEU A 297 -16.51 34.22 -1.51
CA LEU A 297 -17.55 34.56 -0.53
C LEU A 297 -18.38 35.77 -0.95
N ALA A 298 -17.71 36.79 -1.49
CA ALA A 298 -18.37 38.01 -1.95
C ALA A 298 -19.25 37.77 -3.18
N GLY A 299 -18.86 36.79 -4.00
CA GLY A 299 -19.70 36.34 -5.11
C GLY A 299 -20.91 35.57 -4.64
N LEU A 300 -20.77 34.87 -3.52
CA LEU A 300 -21.86 34.05 -2.96
C LEU A 300 -22.84 34.83 -2.08
N ALA A 301 -22.47 36.05 -1.70
CA ALA A 301 -23.25 36.89 -0.77
C ALA A 301 -24.70 37.14 -1.20
N SER A 302 -24.93 37.31 -2.51
CA SER A 302 -26.27 37.56 -3.02
C SER A 302 -26.89 36.37 -3.76
N THR A 303 -26.71 35.16 -3.23
CA THR A 303 -27.15 33.95 -3.93
C THR A 303 -28.06 32.98 -3.16
N SER A 304 -28.11 33.10 -1.83
CA SER A 304 -28.86 32.17 -0.98
C SER A 304 -28.30 30.73 -0.90
N PHE A 305 -27.04 30.58 -1.32
CA PHE A 305 -26.20 29.49 -0.85
C PHE A 305 -25.86 29.84 0.59
N GLN A 306 -25.64 28.82 1.42
CA GLN A 306 -25.31 29.07 2.82
C GLN A 306 -24.04 28.35 3.23
N VAL A 307 -23.20 29.04 3.98
CA VAL A 307 -21.93 28.50 4.40
C VAL A 307 -22.11 27.62 5.63
N ASN A 308 -21.55 26.42 5.58
CA ASN A 308 -21.57 25.51 6.73
C ASN A 308 -20.28 25.57 7.52
N GLY A 309 -20.40 25.44 8.84
CA GLY A 309 -19.24 25.42 9.72
C GLY A 309 -18.85 26.77 10.27
N ASP A 310 -18.09 26.74 11.37
CA ASP A 310 -17.61 27.93 12.05
C ASP A 310 -16.46 28.57 11.27
N GLN A 311 -16.75 29.73 10.68
CA GLN A 311 -15.77 30.46 9.87
C GLN A 311 -14.63 31.13 10.67
N ASP A 312 -14.69 31.04 11.99
CA ASP A 312 -13.57 31.51 12.83
C ASP A 312 -12.52 30.41 13.02
N HIS A 313 -12.83 29.19 12.57
CA HIS A 313 -11.96 28.04 12.78
C HIS A 313 -11.87 27.17 11.54
N VAL A 314 -11.26 27.69 10.48
CA VAL A 314 -11.39 27.08 9.17
C VAL A 314 -10.12 27.26 8.36
N VAL A 315 -9.74 26.24 7.59
CA VAL A 315 -8.64 26.39 6.65
C VAL A 315 -9.11 27.28 5.50
N PRO A 316 -8.21 28.10 4.94
CA PRO A 316 -8.64 29.13 3.99
C PRO A 316 -9.13 28.60 2.64
N HIS A 317 -8.83 27.34 2.34
CA HIS A 317 -8.99 26.82 0.99
C HIS A 317 -10.15 25.84 0.77
N ILE A 318 -10.89 25.54 1.85
CA ILE A 318 -12.08 24.67 1.76
C ILE A 318 -13.35 25.42 2.19
N LEU A 319 -14.36 25.39 1.34
CA LEU A 319 -15.68 25.96 1.63
C LEU A 319 -16.78 24.93 1.45
N ASN A 320 -17.62 24.77 2.47
CA ASN A 320 -18.78 23.92 2.34
C ASN A 320 -20.07 24.73 2.27
N LEU A 321 -20.80 24.52 1.19
CA LEU A 321 -21.97 25.30 0.85
C LEU A 321 -23.23 24.45 0.85
N SER A 322 -24.27 24.95 1.51
CA SER A 322 -25.58 24.32 1.46
C SER A 322 -26.38 25.01 0.35
N PHE A 323 -26.92 24.20 -0.56
CA PHE A 323 -27.75 24.71 -1.65
C PHE A 323 -29.21 24.30 -1.52
N GLU A 324 -29.64 24.06 -0.29
CA GLU A 324 -31.01 23.66 0.03
C GLU A 324 -32.08 24.60 -0.53
N ASP A 325 -31.83 25.91 -0.47
CA ASP A 325 -32.79 26.92 -0.97
C ASP A 325 -32.48 27.34 -2.40
N VAL A 326 -31.42 26.77 -2.97
CA VAL A 326 -30.98 27.12 -4.31
C VAL A 326 -31.59 26.19 -5.34
N ASP A 327 -32.33 26.77 -6.27
CA ASP A 327 -32.89 26.02 -7.40
C ASP A 327 -31.78 25.60 -8.37
N ALA A 328 -32.09 24.65 -9.24
CA ALA A 328 -31.10 23.98 -10.08
C ALA A 328 -30.37 24.88 -11.07
N GLU A 329 -31.10 25.78 -11.72
CA GLU A 329 -30.47 26.67 -12.70
C GLU A 329 -29.53 27.68 -12.05
N ALA A 330 -29.90 28.16 -10.87
CA ALA A 330 -29.07 29.07 -10.08
C ALA A 330 -27.81 28.36 -9.58
N PHE A 331 -27.95 27.08 -9.25
CA PHE A 331 -26.85 26.22 -8.85
C PHE A 331 -25.77 26.17 -9.95
N LEU A 332 -26.20 25.91 -11.18
CA LEU A 332 -25.29 25.82 -12.33
C LEU A 332 -24.57 27.13 -12.65
N VAL A 333 -25.32 28.23 -12.65
CA VAL A 333 -24.77 29.57 -12.90
C VAL A 333 -23.64 29.94 -11.94
N THR A 334 -23.88 29.80 -10.63
CA THR A 334 -22.90 30.17 -9.62
C THR A 334 -21.69 29.25 -9.55
N LEU A 335 -21.88 27.96 -9.83
CA LEU A 335 -20.75 27.05 -9.93
C LEU A 335 -19.81 27.44 -11.06
N LYS A 336 -20.39 27.87 -12.19
CA LYS A 336 -19.60 28.44 -13.28
C LYS A 336 -18.84 29.68 -12.83
N ASP A 337 -19.54 30.59 -12.15
CA ASP A 337 -18.95 31.83 -11.65
C ASP A 337 -17.88 31.60 -10.57
N LEU A 338 -18.02 30.56 -9.76
CA LEU A 338 -17.02 30.22 -8.75
C LEU A 338 -15.74 29.74 -9.41
N VAL A 339 -15.87 28.78 -10.33
CA VAL A 339 -14.74 28.26 -11.11
C VAL A 339 -14.00 29.39 -11.84
N ALA A 340 -14.77 30.31 -12.43
CA ALA A 340 -14.24 31.44 -13.17
C ALA A 340 -13.47 32.44 -12.30
N VAL A 341 -13.98 32.70 -11.09
CA VAL A 341 -13.30 33.59 -10.13
C VAL A 341 -11.94 32.99 -9.71
N ALA A 342 -11.90 31.67 -9.61
CA ALA A 342 -10.71 30.96 -9.18
C ALA A 342 -9.70 30.70 -10.29
N THR A 343 -10.00 31.18 -11.50
CA THR A 343 -9.18 30.86 -12.67
C THR A 343 -7.99 31.82 -12.84
N GLY A 344 -6.81 31.23 -13.02
CA GLY A 344 -5.57 32.01 -13.15
C GLY A 344 -4.98 32.37 -11.80
N SER A 345 -5.62 31.88 -10.74
CA SER A 345 -5.14 32.03 -9.37
C SER A 345 -4.97 30.65 -8.76
N ALA A 346 -5.85 29.72 -9.15
CA ALA A 346 -5.92 28.41 -8.52
C ALA A 346 -6.59 27.36 -9.41
N SER A 347 -6.42 26.10 -9.03
CA SER A 347 -7.22 25.00 -9.55
C SER A 347 -8.30 24.67 -8.50
N THR A 348 -9.46 24.20 -8.97
CA THR A 348 -10.63 24.00 -8.12
C THR A 348 -11.14 22.57 -8.08
N SER A 349 -11.83 22.24 -7.00
CA SER A 349 -12.53 20.96 -6.87
C SER A 349 -13.95 21.15 -6.31
N ALA A 350 -14.89 20.42 -6.90
CA ALA A 350 -16.27 20.41 -6.41
C ALA A 350 -16.76 18.98 -6.18
N SER A 351 -17.47 18.76 -5.08
CA SER A 351 -18.02 17.44 -4.78
C SER A 351 -19.19 17.52 -3.83
N PHE A 352 -20.18 16.64 -4.04
CA PHE A 352 -21.26 16.45 -3.08
C PHE A 352 -20.75 15.88 -1.75
N THR A 353 -21.30 16.38 -0.64
CA THR A 353 -20.88 15.94 0.68
C THR A 353 -21.81 14.83 1.17
N PRO A 354 -21.24 13.69 1.63
CA PRO A 354 -22.06 12.60 2.15
C PRO A 354 -22.90 13.07 3.33
N SER A 355 -24.19 12.77 3.29
CA SER A 355 -25.17 13.31 4.24
C SER A 355 -24.81 13.16 5.71
N HIS A 356 -24.04 12.12 6.05
CA HIS A 356 -23.77 11.79 7.46
C HIS A 356 -23.03 12.89 8.23
N VAL A 357 -22.13 13.59 7.55
CA VAL A 357 -21.33 14.66 8.14
C VAL A 357 -22.17 15.85 8.61
N LEU A 358 -23.13 16.25 7.78
CA LEU A 358 -24.01 17.38 8.09
C LEU A 358 -25.14 16.98 9.03
N ARG A 359 -25.54 15.71 8.99
CA ARG A 359 -26.47 15.18 9.99
C ARG A 359 -25.82 15.21 11.38
N ALA A 360 -24.50 14.98 11.42
CA ALA A 360 -23.72 15.06 12.67
C ALA A 360 -23.56 16.51 13.10
N MET A 361 -23.79 17.44 12.18
CA MET A 361 -23.74 18.87 12.48
C MET A 361 -25.12 19.44 12.78
N GLY A 362 -26.12 18.56 12.92
CA GLY A 362 -27.45 18.96 13.35
C GLY A 362 -28.42 19.38 12.26
N LEU A 363 -28.03 19.25 11.00
CA LEU A 363 -28.89 19.63 9.87
C LEU A 363 -30.07 18.68 9.67
N PRO A 364 -31.23 19.23 9.28
CA PRO A 364 -32.35 18.36 8.92
C PRO A 364 -32.06 17.64 7.61
N GLU A 365 -32.67 16.48 7.42
CA GLU A 365 -32.45 15.61 6.25
C GLU A 365 -32.33 16.35 4.91
N GLU A 366 -33.32 17.19 4.62
CA GLU A 366 -33.42 17.92 3.34
C GLU A 366 -32.21 18.82 3.05
N ALA A 367 -31.57 19.34 4.08
CA ALA A 367 -30.38 20.18 3.92
C ALA A 367 -29.08 19.37 3.93
N ALA A 368 -29.04 18.33 4.76
CA ALA A 368 -27.86 17.48 4.93
C ALA A 368 -27.46 16.75 3.65
N SER A 369 -28.44 16.52 2.78
CA SER A 369 -28.20 15.91 1.47
C SER A 369 -28.08 16.92 0.34
N LYS A 370 -28.00 18.21 0.71
CA LYS A 370 -27.91 19.30 -0.26
C LYS A 370 -26.70 20.18 0.01
N SER A 371 -25.52 19.57 0.06
CA SER A 371 -24.28 20.33 0.29
C SER A 371 -23.14 20.02 -0.67
N LEU A 372 -22.41 21.08 -1.02
CA LEU A 372 -21.30 21.01 -1.94
C LEU A 372 -20.02 21.42 -1.23
N ARG A 373 -19.01 20.58 -1.38
CA ARG A 373 -17.66 20.87 -0.90
C ARG A 373 -16.89 21.51 -2.07
N PHE A 374 -16.31 22.68 -1.80
CA PHE A 374 -15.58 23.45 -2.80
C PHE A 374 -14.22 23.84 -2.25
N SER A 375 -13.15 23.40 -2.91
CA SER A 375 -11.81 23.75 -2.48
C SER A 375 -10.92 24.13 -3.66
N TRP A 376 -9.84 24.83 -3.34
CA TRP A 376 -8.93 25.35 -4.35
C TRP A 376 -7.49 25.30 -3.86
N THR A 377 -6.58 25.14 -4.80
CA THR A 377 -5.16 25.09 -4.51
C THR A 377 -4.49 26.12 -5.40
N PRO A 378 -3.90 27.18 -4.81
CA PRO A 378 -3.24 28.23 -5.60
C PRO A 378 -2.11 27.68 -6.48
N GLY A 379 -1.97 28.23 -7.68
CA GLY A 379 -0.95 27.79 -8.62
C GLY A 379 0.32 28.61 -8.52
N THR B 22 15.04 0.87 -39.74
CA THR B 22 13.62 0.98 -39.28
C THR B 22 13.50 1.04 -37.76
N TYR B 23 14.60 0.77 -37.05
CA TYR B 23 14.64 0.95 -35.59
C TYR B 23 15.32 2.28 -35.23
N LEU B 24 14.53 3.20 -34.66
CA LEU B 24 14.97 4.58 -34.47
C LEU B 24 15.03 4.97 -32.99
N ASP B 25 15.06 3.98 -32.12
CA ASP B 25 14.99 4.19 -30.68
C ASP B 25 16.33 3.91 -29.99
N ALA B 26 16.43 4.30 -28.72
CA ALA B 26 17.61 4.00 -27.90
C ALA B 26 17.20 3.43 -26.55
N ALA B 27 17.82 2.31 -26.16
CA ALA B 27 17.54 1.64 -24.89
C ALA B 27 18.15 2.38 -23.69
N ALA B 28 17.34 3.15 -22.97
CA ALA B 28 17.85 3.99 -21.88
C ALA B 28 17.74 3.38 -20.48
N THR B 29 16.77 2.49 -20.28
CA THR B 29 16.55 1.85 -18.98
C THR B 29 16.82 0.34 -19.01
N THR B 30 17.76 -0.10 -18.18
CA THR B 30 18.18 -1.50 -18.16
C THR B 30 17.54 -2.33 -17.03
N ARG B 31 17.04 -1.66 -16.00
CA ARG B 31 16.45 -2.37 -14.86
C ARG B 31 14.96 -2.66 -15.05
N VAL B 32 14.32 -1.89 -15.92
CA VAL B 32 12.91 -2.04 -16.25
C VAL B 32 12.80 -1.83 -17.75
N ASP B 33 12.03 -2.70 -18.42
CA ASP B 33 11.80 -2.57 -19.86
C ASP B 33 11.31 -1.16 -20.18
N GLN B 34 11.84 -0.59 -21.25
CA GLN B 34 11.51 0.78 -21.63
C GLN B 34 10.04 0.98 -21.97
N ARG B 35 9.36 -0.05 -22.47
CA ARG B 35 7.92 0.06 -22.74
C ARG B 35 7.12 0.18 -21.46
N VAL B 36 7.54 -0.56 -20.45
CA VAL B 36 6.96 -0.46 -19.12
C VAL B 36 7.23 0.93 -18.55
N ALA B 37 8.47 1.41 -18.68
CA ALA B 37 8.86 2.70 -18.16
C ALA B 37 8.05 3.83 -18.79
N ASP B 38 7.86 3.74 -20.11
CA ASP B 38 7.07 4.71 -20.87
C ASP B 38 5.59 4.77 -20.43
N ILE B 39 4.97 3.61 -20.19
CA ILE B 39 3.59 3.57 -19.73
C ILE B 39 3.49 4.28 -18.37
N VAL B 40 4.43 3.95 -17.47
CA VAL B 40 4.43 4.52 -16.13
C VAL B 40 4.57 6.04 -16.18
N LEU B 41 5.52 6.52 -16.97
CA LEU B 41 5.80 7.94 -17.09
C LEU B 41 4.65 8.71 -17.73
N HIS B 42 4.04 8.13 -18.76
CA HIS B 42 2.90 8.75 -19.42
C HIS B 42 1.76 8.98 -18.43
N TRP B 43 1.45 7.98 -17.62
CA TRP B 43 0.36 8.05 -16.65
C TRP B 43 0.68 8.99 -15.50
N MET B 44 1.94 9.01 -15.11
CA MET B 44 2.43 9.88 -14.06
C MET B 44 2.29 11.33 -14.44
N THR B 45 2.72 11.68 -15.65
CA THR B 45 2.63 13.05 -16.15
C THR B 45 1.17 13.45 -16.39
N ALA B 46 0.32 12.49 -16.72
CA ALA B 46 -1.11 12.72 -16.81
C ALA B 46 -1.70 13.06 -15.44
N GLU B 47 -1.28 12.31 -14.41
CA GLU B 47 -1.68 12.54 -13.03
C GLU B 47 -1.17 13.90 -12.54
N PHE B 48 0.03 14.28 -12.96
CA PHE B 48 0.61 15.59 -12.61
C PHE B 48 0.06 16.71 -13.49
N GLY B 49 0.53 16.77 -14.74
CA GLY B 49 0.36 17.93 -15.64
C GLY B 49 -1.05 18.35 -15.96
N ASN B 50 -1.17 19.27 -16.92
CA ASN B 50 -2.47 19.86 -17.27
C ASN B 50 -3.21 19.14 -18.41
N ALA B 51 -3.09 17.81 -18.44
CA ALA B 51 -3.85 16.98 -19.36
C ALA B 51 -5.34 17.04 -19.01
N GLY B 52 -6.02 18.05 -19.59
CA GLY B 52 -7.44 18.33 -19.32
C GLY B 52 -7.72 18.70 -17.88
N SER B 53 -9.01 18.76 -17.53
CA SER B 53 -9.43 18.92 -16.14
C SER B 53 -9.23 17.61 -15.36
N ARG B 54 -9.46 17.66 -14.04
CA ARG B 54 -9.39 16.48 -13.18
C ARG B 54 -10.44 15.45 -13.56
N HIS B 55 -11.60 15.96 -13.98
CA HIS B 55 -12.72 15.12 -14.39
C HIS B 55 -12.37 14.24 -15.60
N GLU B 56 -11.92 14.87 -16.67
CA GLU B 56 -11.47 14.16 -17.87
C GLU B 56 -10.40 13.12 -17.56
N TYR B 57 -9.48 13.45 -16.65
CA TYR B 57 -8.45 12.50 -16.21
C TYR B 57 -9.06 11.35 -15.41
N GLY B 58 -10.00 11.69 -14.51
CA GLY B 58 -10.68 10.71 -13.68
C GLY B 58 -11.30 9.61 -14.52
N ILE B 59 -12.02 10.03 -15.57
CA ILE B 59 -12.62 9.11 -16.53
C ILE B 59 -11.55 8.20 -17.18
N ARG B 60 -10.47 8.81 -17.66
CA ARG B 60 -9.36 8.08 -18.30
C ARG B 60 -8.68 7.09 -17.36
N ALA B 61 -8.42 7.52 -16.13
CA ALA B 61 -7.79 6.68 -15.12
C ALA B 61 -8.66 5.47 -14.75
N LYS B 62 -9.97 5.73 -14.64
CA LYS B 62 -10.96 4.68 -14.38
C LYS B 62 -10.98 3.63 -15.49
N ARG B 63 -11.04 4.08 -16.74
CA ARG B 63 -11.03 3.19 -17.88
C ARG B 63 -9.74 2.37 -17.98
N GLY B 64 -8.60 3.03 -17.75
CA GLY B 64 -7.30 2.35 -17.73
C GLY B 64 -7.21 1.25 -16.68
N VAL B 65 -7.53 1.57 -15.44
CA VAL B 65 -7.53 0.58 -14.36
C VAL B 65 -8.36 -0.64 -14.72
N GLU B 66 -9.58 -0.40 -15.22
CA GLU B 66 -10.47 -1.49 -15.61
C GLU B 66 -9.93 -2.30 -16.80
N ARG B 67 -9.28 -1.62 -17.75
CA ARG B 67 -8.61 -2.32 -18.83
C ARG B 67 -7.47 -3.19 -18.32
N ALA B 68 -6.73 -2.66 -17.34
CA ALA B 68 -5.62 -3.37 -16.70
C ALA B 68 -6.12 -4.60 -15.94
N ARG B 69 -7.25 -4.44 -15.26
CA ARG B 69 -7.86 -5.51 -14.48
C ARG B 69 -8.32 -6.64 -15.39
N GLU B 70 -8.98 -6.25 -16.48
CA GLU B 70 -9.49 -7.20 -17.46
C GLU B 70 -8.36 -8.01 -18.12
N TYR B 71 -7.31 -7.32 -18.59
CA TYR B 71 -6.19 -8.01 -19.21
C TYR B 71 -5.50 -8.95 -18.23
N LEU B 72 -5.14 -8.42 -17.07
CA LEU B 72 -4.49 -9.21 -16.05
C LEU B 72 -5.27 -10.45 -15.63
N ALA B 73 -6.57 -10.28 -15.38
CA ALA B 73 -7.43 -11.39 -15.04
C ALA B 73 -7.34 -12.46 -16.11
N SER B 74 -7.41 -12.03 -17.37
CA SER B 74 -7.41 -12.94 -18.52
C SER B 74 -6.19 -13.86 -18.59
N THR B 75 -5.04 -13.39 -18.11
CA THR B 75 -3.79 -14.16 -18.20
C THR B 75 -3.78 -15.38 -17.28
N VAL B 76 -4.67 -15.39 -16.29
CA VAL B 76 -4.88 -16.56 -15.43
C VAL B 76 -6.28 -17.14 -15.62
N SER B 77 -6.93 -16.76 -16.72
CA SER B 77 -8.28 -17.23 -17.06
C SER B 77 -9.32 -16.90 -15.99
N ALA B 78 -9.26 -15.70 -15.46
CA ALA B 78 -10.27 -15.23 -14.53
C ALA B 78 -11.01 -14.04 -15.14
N GLU B 79 -12.18 -13.74 -14.57
CA GLU B 79 -12.97 -12.58 -15.00
C GLU B 79 -12.48 -11.32 -14.27
N PRO B 80 -12.75 -10.12 -14.81
CA PRO B 80 -12.29 -8.87 -14.18
C PRO B 80 -12.67 -8.75 -12.70
N ASP B 81 -13.92 -9.10 -12.36
CA ASP B 81 -14.41 -9.02 -10.99
C ASP B 81 -13.72 -9.98 -10.02
N GLU B 82 -12.84 -10.83 -10.54
CA GLU B 82 -12.10 -11.78 -9.72
C GLU B 82 -10.66 -11.34 -9.44
N LEU B 83 -10.31 -10.12 -9.86
CA LEU B 83 -8.98 -9.59 -9.55
C LEU B 83 -9.04 -8.22 -8.87
N ILE B 84 -8.31 -8.07 -7.78
CA ILE B 84 -8.10 -6.77 -7.15
C ILE B 84 -6.61 -6.35 -7.21
N PHE B 85 -6.37 -5.05 -7.17
CA PHE B 85 -5.03 -4.53 -7.13
C PHE B 85 -4.60 -4.31 -5.69
N THR B 86 -3.30 -4.46 -5.45
CA THR B 86 -2.74 -4.32 -4.11
C THR B 86 -1.39 -3.61 -4.23
N SER B 87 -0.76 -3.32 -3.09
CA SER B 87 0.51 -2.62 -3.09
C SER B 87 1.69 -3.58 -3.25
N GLY B 88 1.39 -4.85 -3.50
CA GLY B 88 2.42 -5.88 -3.64
C GLY B 88 1.90 -7.26 -3.29
N ALA B 89 2.69 -8.29 -3.57
CA ALA B 89 2.37 -9.66 -3.18
C ALA B 89 2.31 -9.83 -1.64
N THR B 90 3.08 -9.01 -0.91
CA THR B 90 3.02 -9.03 0.56
C THR B 90 1.61 -8.71 1.03
N GLU B 91 1.04 -7.62 0.52
CA GLU B 91 -0.31 -7.24 0.87
C GLU B 91 -1.31 -8.27 0.33
N SER B 92 -1.11 -8.73 -0.91
CA SER B 92 -1.95 -9.80 -1.46
C SER B 92 -1.99 -11.02 -0.54
N ASN B 93 -0.82 -11.45 -0.06
CA ASN B 93 -0.76 -12.62 0.84
C ASN B 93 -1.53 -12.40 2.14
N ASN B 94 -1.44 -11.21 2.72
CA ASN B 94 -2.12 -10.93 3.97
C ASN B 94 -3.64 -10.84 3.79
N ILE B 95 -4.06 -10.19 2.71
CA ILE B 95 -5.47 -10.10 2.35
C ILE B 95 -6.06 -11.49 2.18
N ALA B 96 -5.36 -12.35 1.45
CA ALA B 96 -5.84 -13.70 1.15
C ALA B 96 -5.88 -14.59 2.40
N LEU B 97 -4.87 -14.49 3.25
CA LEU B 97 -4.72 -15.44 4.34
C LEU B 97 -5.38 -14.98 5.63
N LEU B 98 -5.07 -13.78 6.09
CA LEU B 98 -5.74 -13.19 7.24
C LEU B 98 -7.22 -12.95 6.93
N GLY B 99 -7.53 -12.70 5.66
CA GLY B 99 -8.91 -12.50 5.21
C GLY B 99 -9.84 -13.71 5.34
N LEU B 100 -9.27 -14.91 5.35
CA LEU B 100 -10.05 -16.13 5.54
C LEU B 100 -10.32 -16.47 7.01
N ALA B 101 -9.58 -15.84 7.92
CA ALA B 101 -9.65 -16.18 9.34
C ALA B 101 -11.03 -16.05 9.97
N PRO B 102 -11.78 -14.98 9.65
CA PRO B 102 -13.14 -14.91 10.22
C PRO B 102 -14.07 -16.04 9.76
N TYR B 103 -13.96 -16.42 8.48
CA TYR B 103 -14.72 -17.55 7.94
C TYR B 103 -14.37 -18.85 8.67
N GLY B 104 -13.08 -19.02 8.93
CA GLY B 104 -12.58 -20.18 9.70
C GLY B 104 -13.18 -20.29 11.08
N GLU B 105 -13.21 -19.16 11.80
CA GLU B 105 -13.79 -19.11 13.13
C GLU B 105 -15.30 -19.37 13.09
N ARG B 106 -15.95 -18.83 12.07
CA ARG B 106 -17.41 -18.93 11.92
C ARG B 106 -17.85 -20.37 11.64
N THR B 107 -17.02 -21.11 10.90
CA THR B 107 -17.38 -22.42 10.39
C THR B 107 -16.65 -23.57 11.08
N GLY B 108 -15.79 -23.23 12.04
CA GLY B 108 -15.05 -24.23 12.80
C GLY B 108 -13.97 -24.89 11.97
N ARG B 109 -13.43 -24.13 11.03
CA ARG B 109 -12.38 -24.61 10.13
C ARG B 109 -11.11 -23.86 10.46
N ARG B 110 -10.32 -24.46 11.32
CA ARG B 110 -9.16 -23.78 11.89
C ARG B 110 -7.85 -24.45 11.52
N HIS B 111 -7.90 -25.42 10.61
CA HIS B 111 -6.70 -26.15 10.18
C HIS B 111 -6.16 -25.61 8.87
N ILE B 112 -4.87 -25.28 8.85
CA ILE B 112 -4.21 -24.72 7.66
C ILE B 112 -2.97 -25.54 7.34
N ILE B 113 -2.76 -25.80 6.06
CA ILE B 113 -1.57 -26.48 5.59
C ILE B 113 -0.78 -25.57 4.67
N THR B 114 0.51 -25.44 4.97
CA THR B 114 1.42 -24.67 4.14
C THR B 114 2.78 -25.38 4.08
N SER B 115 3.77 -24.74 3.49
CA SER B 115 5.14 -25.29 3.52
C SER B 115 6.05 -24.44 4.39
N ALA B 116 7.09 -25.07 4.91
CA ALA B 116 8.12 -24.39 5.70
C ALA B 116 9.06 -23.54 4.86
N ILE B 117 8.91 -23.62 3.53
CA ILE B 117 9.80 -22.92 2.60
C ILE B 117 9.18 -21.67 1.96
N GLU B 118 8.02 -21.26 2.46
CA GLU B 118 7.33 -20.08 1.94
C GLU B 118 8.13 -18.82 2.22
N HIS B 119 7.89 -17.80 1.42
CA HIS B 119 8.35 -16.45 1.71
C HIS B 119 7.74 -16.01 3.03
N LYS B 120 8.41 -15.11 3.74
CA LYS B 120 7.91 -14.59 5.00
C LYS B 120 6.52 -13.94 4.94
N ALA B 121 6.08 -13.50 3.76
CA ALA B 121 4.75 -12.89 3.60
C ALA B 121 3.61 -13.91 3.63
N VAL B 122 3.96 -15.18 3.61
CA VAL B 122 3.01 -16.25 3.87
C VAL B 122 3.25 -16.85 5.27
N LEU B 123 4.51 -17.14 5.59
CA LEU B 123 4.85 -17.74 6.88
C LEU B 123 4.43 -16.87 8.06
N GLU B 124 4.74 -15.57 7.99
CA GLU B 124 4.49 -14.66 9.11
C GLU B 124 3.00 -14.44 9.43
N PRO B 125 2.16 -14.21 8.39
CA PRO B 125 0.72 -14.15 8.67
C PRO B 125 0.19 -15.46 9.24
N LEU B 126 0.68 -16.59 8.73
CA LEU B 126 0.26 -17.90 9.24
C LEU B 126 0.76 -18.21 10.65
N GLU B 127 1.94 -17.73 11.01
CA GLU B 127 2.42 -17.80 12.40
C GLU B 127 1.59 -16.92 13.32
N HIS B 128 1.12 -15.78 12.79
CA HIS B 128 0.18 -14.92 13.49
C HIS B 128 -1.12 -15.68 13.78
N LEU B 129 -1.67 -16.35 12.76
CA LEU B 129 -2.87 -17.15 12.95
C LEU B 129 -2.68 -18.31 13.94
N ALA B 130 -1.51 -18.96 13.87
CA ALA B 130 -1.17 -20.04 14.80
C ALA B 130 -1.14 -19.59 16.26
N GLY B 131 -0.83 -18.31 16.49
CA GLY B 131 -0.86 -17.77 17.85
C GLY B 131 -2.26 -17.32 18.27
N ARG B 132 -3.22 -17.41 17.34
CA ARG B 132 -4.59 -16.97 17.57
C ARG B 132 -5.62 -18.10 17.54
N GLY B 133 -5.17 -19.35 17.66
CA GLY B 133 -6.07 -20.50 17.73
C GLY B 133 -6.22 -21.35 16.47
N PHE B 134 -5.39 -21.09 15.48
CA PHE B 134 -5.38 -21.90 14.27
C PHE B 134 -4.27 -22.96 14.34
N GLU B 135 -4.57 -24.18 13.88
CA GLU B 135 -3.57 -25.23 13.76
C GLU B 135 -2.91 -25.15 12.38
N VAL B 136 -1.61 -24.84 12.37
CA VAL B 136 -0.89 -24.69 11.11
C VAL B 136 0.20 -25.75 10.95
N ASP B 137 0.12 -26.50 9.84
CA ASP B 137 1.16 -27.44 9.47
C ASP B 137 2.11 -26.84 8.44
N PHE B 138 3.37 -26.69 8.85
CA PHE B 138 4.43 -26.19 7.99
C PHE B 138 5.22 -27.38 7.45
N LEU B 139 4.89 -27.78 6.23
CA LEU B 139 5.45 -28.99 5.65
C LEU B 139 6.87 -28.76 5.12
N THR B 140 7.74 -29.73 5.37
CA THR B 140 9.12 -29.69 4.88
C THR B 140 9.27 -30.64 3.69
N PRO B 141 9.77 -30.11 2.57
CA PRO B 141 9.91 -30.88 1.31
C PRO B 141 11.05 -31.90 1.29
N GLY B 142 12.08 -31.68 2.10
CA GLY B 142 13.34 -32.39 1.94
C GLY B 142 14.16 -31.84 0.77
N PRO B 143 15.28 -32.52 0.42
CA PRO B 143 16.31 -32.08 -0.52
C PRO B 143 15.86 -31.59 -1.90
N SER B 144 14.72 -32.09 -2.39
CA SER B 144 14.23 -31.69 -3.71
C SER B 144 13.75 -30.23 -3.71
N GLY B 145 13.44 -29.70 -2.53
CA GLY B 145 12.87 -28.37 -2.40
C GLY B 145 11.46 -28.29 -2.96
N ARG B 146 10.91 -29.45 -3.34
CA ARG B 146 9.59 -29.53 -3.97
C ARG B 146 8.60 -30.29 -3.07
N ILE B 147 7.53 -29.61 -2.69
CA ILE B 147 6.45 -30.23 -1.92
C ILE B 147 5.76 -31.25 -2.83
N SER B 148 5.39 -32.41 -2.28
CA SER B 148 4.61 -33.38 -3.06
C SER B 148 3.11 -33.19 -2.81
N VAL B 149 2.33 -33.59 -3.80
CA VAL B 149 0.87 -33.51 -3.73
C VAL B 149 0.37 -34.43 -2.62
N GLU B 150 0.96 -35.62 -2.54
CA GLU B 150 0.68 -36.60 -1.49
C GLU B 150 0.89 -36.04 -0.10
N GLY B 151 2.02 -35.37 0.09
CA GLY B 151 2.35 -34.74 1.36
C GLY B 151 1.22 -33.87 1.89
N VAL B 152 0.65 -33.06 1.00
CA VAL B 152 -0.46 -32.18 1.34
C VAL B 152 -1.74 -32.99 1.59
N MET B 153 -2.07 -33.85 0.64
CA MET B 153 -3.35 -34.58 0.68
C MET B 153 -3.46 -35.54 1.86
N GLU B 154 -2.33 -36.10 2.30
CA GLU B 154 -2.26 -36.93 3.52
C GLU B 154 -2.71 -36.14 4.75
N ARG B 155 -2.34 -34.87 4.79
CA ARG B 155 -2.64 -34.00 5.92
C ARG B 155 -4.06 -33.45 5.87
N LEU B 156 -4.62 -33.40 4.67
CA LEU B 156 -5.95 -32.81 4.44
C LEU B 156 -7.00 -33.37 5.39
N ARG B 157 -7.75 -32.47 6.03
CA ARG B 157 -8.83 -32.85 6.94
C ARG B 157 -10.17 -32.25 6.48
N PRO B 158 -11.30 -32.80 6.95
CA PRO B 158 -12.63 -32.25 6.64
C PRO B 158 -12.81 -30.81 7.09
N ASP B 159 -12.02 -30.38 8.07
CA ASP B 159 -12.08 -29.00 8.57
C ASP B 159 -10.85 -28.16 8.20
N THR B 160 -10.09 -28.60 7.20
CA THR B 160 -8.96 -27.79 6.70
C THR B 160 -9.51 -26.59 5.94
N LEU B 161 -9.30 -25.42 6.52
CA LEU B 161 -9.73 -24.16 5.95
C LEU B 161 -9.04 -23.85 4.63
N LEU B 162 -7.74 -24.10 4.61
CA LEU B 162 -6.92 -23.55 3.56
C LEU B 162 -5.59 -24.26 3.43
N VAL B 163 -5.15 -24.39 2.18
CA VAL B 163 -3.80 -24.77 1.84
C VAL B 163 -3.15 -23.58 1.13
N SER B 164 -1.97 -23.16 1.58
CA SER B 164 -1.19 -22.13 0.90
C SER B 164 0.17 -22.66 0.46
N LEU B 165 0.42 -22.64 -0.84
CA LEU B 165 1.67 -23.13 -1.38
C LEU B 165 2.18 -22.17 -2.42
N MET B 166 3.42 -21.73 -2.28
CA MET B 166 4.01 -20.87 -3.29
C MET B 166 4.07 -21.60 -4.65
N HIS B 167 4.08 -20.84 -5.73
CA HIS B 167 4.15 -21.42 -7.07
C HIS B 167 5.59 -21.85 -7.36
N VAL B 168 6.52 -20.92 -7.15
CA VAL B 168 7.93 -21.13 -7.42
C VAL B 168 8.69 -20.57 -6.21
N ASN B 169 9.55 -21.38 -5.60
CA ASN B 169 10.33 -20.91 -4.46
C ASN B 169 11.32 -19.84 -4.87
N ASN B 170 11.27 -18.70 -4.21
CA ASN B 170 12.08 -17.54 -4.57
C ASN B 170 13.58 -17.76 -4.42
N GLU B 171 13.96 -18.63 -3.50
CA GLU B 171 15.35 -18.82 -3.17
C GLU B 171 16.03 -19.85 -4.06
N THR B 172 15.28 -20.87 -4.46
CA THR B 172 15.83 -21.99 -5.22
C THR B 172 15.34 -22.04 -6.66
N GLY B 173 14.20 -21.39 -6.91
CA GLY B 173 13.55 -21.44 -8.22
C GLY B 173 12.81 -22.75 -8.49
N VAL B 174 12.65 -23.58 -7.47
CA VAL B 174 11.96 -24.87 -7.62
C VAL B 174 10.44 -24.67 -7.72
N ILE B 175 9.87 -25.21 -8.80
CA ILE B 175 8.44 -25.14 -9.05
C ILE B 175 7.69 -26.20 -8.23
N GLN B 176 6.66 -25.74 -7.52
CA GLN B 176 5.80 -26.60 -6.72
C GLN B 176 4.63 -27.04 -7.57
N PRO B 177 4.07 -28.24 -7.29
CA PRO B 177 2.99 -28.76 -8.13
C PRO B 177 1.61 -28.20 -7.75
N VAL B 178 1.49 -26.89 -7.81
CA VAL B 178 0.23 -26.22 -7.47
C VAL B 178 -0.89 -26.53 -8.46
N ALA B 179 -0.53 -26.81 -9.71
CA ALA B 179 -1.49 -27.10 -10.75
C ALA B 179 -2.22 -28.41 -10.43
N GLU B 180 -1.45 -29.46 -10.13
CA GLU B 180 -1.98 -30.75 -9.69
C GLU B 180 -2.81 -30.63 -8.40
N LEU B 181 -2.31 -29.85 -7.43
CA LEU B 181 -3.01 -29.63 -6.18
C LEU B 181 -4.38 -28.97 -6.37
N ALA B 182 -4.43 -27.98 -7.25
CA ALA B 182 -5.68 -27.29 -7.57
C ALA B 182 -6.82 -28.22 -8.01
N GLN B 183 -6.51 -29.24 -8.80
CA GLN B 183 -7.54 -30.11 -9.36
C GLN B 183 -8.21 -30.95 -8.27
N GLN B 184 -7.46 -31.25 -7.22
CA GLN B 184 -7.99 -32.04 -6.11
C GLN B 184 -8.62 -31.18 -5.03
N LEU B 185 -7.95 -30.11 -4.64
CA LEU B 185 -8.51 -29.18 -3.66
C LEU B 185 -9.82 -28.51 -4.07
N ARG B 186 -9.97 -28.26 -5.37
CA ARG B 186 -11.18 -27.63 -5.93
C ARG B 186 -12.43 -28.48 -5.70
N ALA B 187 -12.24 -29.78 -5.56
CA ALA B 187 -13.34 -30.73 -5.32
C ALA B 187 -13.66 -30.88 -3.84
N THR B 188 -13.01 -30.08 -2.99
CA THR B 188 -13.22 -30.12 -1.54
C THR B 188 -13.72 -28.74 -1.08
N PRO B 189 -14.15 -28.61 0.20
CA PRO B 189 -14.46 -27.28 0.72
C PRO B 189 -13.23 -26.43 1.09
N THR B 190 -12.05 -27.06 1.03
CA THR B 190 -10.77 -26.40 1.33
C THR B 190 -10.33 -25.45 0.20
N TYR B 191 -9.87 -24.25 0.57
CA TYR B 191 -9.40 -23.26 -0.40
C TYR B 191 -7.90 -23.38 -0.65
N LEU B 192 -7.48 -23.20 -1.90
CA LEU B 192 -6.06 -23.11 -2.24
C LEU B 192 -5.62 -21.69 -2.54
N HIS B 193 -4.62 -21.23 -1.80
CA HIS B 193 -3.94 -19.97 -2.08
C HIS B 193 -2.54 -20.26 -2.62
N VAL B 194 -2.19 -19.57 -3.70
CA VAL B 194 -0.88 -19.72 -4.31
C VAL B 194 -0.17 -18.38 -4.34
N ASP B 195 0.99 -18.33 -3.68
CA ASP B 195 1.87 -17.18 -3.77
C ASP B 195 2.66 -17.34 -5.07
N ALA B 196 2.22 -16.66 -6.12
CA ALA B 196 2.81 -16.82 -7.44
C ALA B 196 3.76 -15.68 -7.80
N ALA B 197 4.26 -14.99 -6.78
CA ALA B 197 5.14 -13.85 -7.00
C ALA B 197 6.27 -14.19 -7.98
N GLN B 198 6.88 -15.36 -7.79
CA GLN B 198 7.96 -15.80 -8.68
C GLN B 198 7.54 -16.69 -9.84
N GLY B 199 6.29 -17.14 -9.82
CA GLY B 199 5.80 -17.99 -10.90
C GLY B 199 4.97 -17.29 -11.96
N TYR B 200 4.22 -16.26 -11.57
CA TYR B 200 3.38 -15.54 -12.52
C TYR B 200 4.21 -15.08 -13.73
N GLY B 201 3.68 -15.32 -14.92
CA GLY B 201 4.34 -14.96 -16.17
C GLY B 201 5.37 -15.97 -16.65
N LYS B 202 6.04 -16.62 -15.72
CA LYS B 202 7.15 -17.51 -16.03
C LYS B 202 6.73 -18.95 -16.35
N VAL B 203 5.76 -19.46 -15.59
CA VAL B 203 5.11 -20.73 -15.88
C VAL B 203 3.61 -20.48 -16.00
N PRO B 204 3.17 -19.86 -17.12
CA PRO B 204 1.77 -19.37 -17.19
C PRO B 204 0.72 -20.49 -17.13
N GLY B 205 1.02 -21.64 -17.75
CA GLY B 205 0.10 -22.79 -17.80
C GLY B 205 -0.41 -23.29 -16.45
N ASP B 206 0.38 -23.10 -15.39
CA ASP B 206 -0.04 -23.58 -14.08
C ASP B 206 -1.13 -22.72 -13.43
N LEU B 207 -1.20 -21.44 -13.80
CA LEU B 207 -2.05 -20.47 -13.10
C LEU B 207 -3.44 -20.28 -13.71
N THR B 208 -3.72 -20.95 -14.82
CA THR B 208 -5.06 -20.99 -15.42
C THR B 208 -5.90 -22.13 -14.84
N THR B 209 -5.31 -22.88 -13.91
CA THR B 209 -6.01 -23.95 -13.18
C THR B 209 -6.88 -23.32 -12.11
N PRO B 210 -7.89 -24.06 -11.59
CA PRO B 210 -8.80 -23.45 -10.61
C PRO B 210 -8.23 -23.30 -9.20
N ILE B 211 -7.03 -22.74 -9.09
CA ILE B 211 -6.51 -22.23 -7.83
C ILE B 211 -7.47 -21.17 -7.31
N ASP B 212 -7.88 -21.27 -6.05
CA ASP B 212 -8.81 -20.28 -5.48
C ASP B 212 -8.25 -18.86 -5.40
N MET B 213 -7.04 -18.72 -4.85
CA MET B 213 -6.41 -17.40 -4.69
C MET B 213 -4.95 -17.39 -5.16
N ILE B 214 -4.61 -16.35 -5.92
CA ILE B 214 -3.26 -16.18 -6.46
C ILE B 214 -2.74 -14.79 -6.18
N SER B 215 -1.58 -14.72 -5.50
CA SER B 215 -0.88 -13.46 -5.28
C SER B 215 0.15 -13.20 -6.36
N ILE B 216 0.19 -11.97 -6.84
CA ILE B 216 1.06 -11.56 -7.95
C ILE B 216 1.81 -10.30 -7.49
N SER B 217 3.12 -10.30 -7.75
CA SER B 217 4.00 -9.18 -7.47
C SER B 217 4.46 -8.49 -8.76
N GLY B 218 4.24 -7.19 -8.82
CA GLY B 218 4.67 -6.41 -9.98
C GLY B 218 6.17 -6.46 -10.26
N HIS B 219 7.01 -6.18 -9.26
CA HIS B 219 8.42 -5.98 -9.55
C HIS B 219 9.15 -7.28 -9.91
N LYS B 220 8.52 -8.38 -9.56
CA LYS B 220 9.04 -9.68 -9.90
C LYS B 220 8.93 -9.98 -11.40
N ILE B 221 8.03 -9.29 -12.09
CA ILE B 221 7.96 -9.40 -13.57
C ILE B 221 8.39 -8.14 -14.32
N GLY B 222 9.12 -7.25 -13.66
CA GLY B 222 9.68 -6.07 -14.32
C GLY B 222 8.83 -4.80 -14.26
N ALA B 223 7.78 -4.83 -13.43
CA ALA B 223 7.00 -3.62 -13.13
C ALA B 223 7.69 -2.87 -12.00
N PRO B 224 7.27 -1.61 -11.73
CA PRO B 224 7.89 -0.93 -10.59
C PRO B 224 7.49 -1.58 -9.27
N LYS B 225 8.30 -1.39 -8.24
CA LYS B 225 7.95 -1.81 -6.90
C LYS B 225 6.74 -1.02 -6.44
N GLY B 226 5.89 -1.66 -5.65
CA GLY B 226 4.78 -0.99 -5.00
C GLY B 226 3.41 -1.32 -5.56
N VAL B 227 3.34 -2.39 -6.35
CA VAL B 227 2.08 -2.82 -6.91
C VAL B 227 2.03 -4.34 -7.08
N GLY B 228 0.88 -4.90 -6.80
CA GLY B 228 0.64 -6.33 -7.03
C GLY B 228 -0.83 -6.55 -7.30
N ALA B 229 -1.27 -7.79 -7.17
CA ALA B 229 -2.66 -8.15 -7.39
C ALA B 229 -3.00 -9.42 -6.65
N LEU B 230 -4.29 -9.64 -6.45
CA LEU B 230 -4.82 -10.86 -5.90
C LEU B 230 -6.02 -11.32 -6.73
N VAL B 231 -5.93 -12.53 -7.24
CA VAL B 231 -7.06 -13.18 -7.90
C VAL B 231 -7.86 -13.96 -6.85
N THR B 232 -9.18 -13.84 -6.92
CA THR B 232 -10.09 -14.59 -6.05
C THR B 232 -11.21 -15.18 -6.90
N ARG B 233 -11.10 -16.47 -7.20
CA ARG B 233 -12.04 -17.11 -8.11
C ARG B 233 -13.39 -17.39 -7.45
N ARG B 234 -14.44 -17.31 -8.26
CA ARG B 234 -15.78 -17.74 -7.87
C ARG B 234 -15.85 -19.26 -7.96
N ARG B 235 -16.71 -19.83 -7.13
CA ARG B 235 -17.06 -21.24 -7.20
C ARG B 235 -18.55 -21.30 -7.51
N GLU B 236 -18.88 -21.64 -8.77
CA GLU B 236 -20.27 -21.61 -9.26
C GLU B 236 -21.25 -22.42 -8.40
N GLU B 237 -20.76 -23.56 -7.91
CA GLU B 237 -21.52 -24.46 -7.04
C GLU B 237 -22.01 -23.79 -5.75
N MET B 238 -21.21 -22.84 -5.26
CA MET B 238 -21.41 -22.19 -3.96
C MET B 238 -22.12 -20.86 -4.13
N ASP B 239 -23.32 -20.87 -4.74
CA ASP B 239 -24.06 -19.64 -5.05
C ASP B 239 -23.24 -18.70 -5.97
N ASP B 240 -22.33 -19.27 -6.75
CA ASP B 240 -21.38 -18.54 -7.61
C ASP B 240 -20.42 -17.60 -6.84
N GLU B 241 -20.32 -17.80 -5.52
CA GLU B 241 -19.61 -16.85 -4.67
C GLU B 241 -18.08 -16.95 -4.72
N ARG B 242 -17.41 -15.82 -4.55
CA ARG B 242 -15.95 -15.84 -4.43
C ARG B 242 -15.58 -16.26 -3.02
N VAL B 243 -14.29 -16.47 -2.81
CA VAL B 243 -13.71 -16.75 -1.50
C VAL B 243 -14.32 -15.81 -0.46
N PRO B 244 -14.87 -16.38 0.63
CA PRO B 244 -15.55 -15.54 1.61
C PRO B 244 -14.55 -14.77 2.47
N LEU B 245 -13.78 -13.89 1.82
CA LEU B 245 -12.79 -13.08 2.51
C LEU B 245 -13.46 -11.94 3.22
N GLU B 246 -12.87 -11.54 4.33
CA GLU B 246 -13.24 -10.29 5.00
C GLU B 246 -12.04 -9.35 4.95
N PRO B 247 -12.31 -8.04 4.84
CA PRO B 247 -11.24 -7.04 4.78
C PRO B 247 -10.42 -7.00 6.06
N ILE B 248 -9.13 -6.72 5.92
CA ILE B 248 -8.28 -6.50 7.07
C ILE B 248 -8.00 -5.01 7.30
N MET B 249 -8.45 -4.18 6.36
CA MET B 249 -8.44 -2.72 6.52
C MET B 249 -9.79 -2.14 6.09
N PHE B 250 -10.09 -0.93 6.55
CA PHE B 250 -11.41 -0.33 6.36
C PHE B 250 -11.36 1.15 6.01
N GLY B 251 -12.36 1.59 5.24
CA GLY B 251 -12.53 2.98 4.89
C GLY B 251 -12.43 3.22 3.40
N GLY B 252 -13.55 3.06 2.71
CA GLY B 252 -13.60 3.26 1.27
C GLY B 252 -14.11 2.02 0.58
N GLY B 253 -14.78 2.21 -0.56
CA GLY B 253 -15.35 1.09 -1.31
C GLY B 253 -14.36 0.35 -2.21
N GLN B 254 -13.22 0.98 -2.48
CA GLN B 254 -12.22 0.51 -3.45
C GLN B 254 -11.87 -0.98 -3.37
N GLU B 255 -11.56 -1.54 -4.54
CA GLU B 255 -11.19 -2.96 -4.69
C GLU B 255 -12.12 -3.90 -3.93
N ARG B 256 -13.42 -3.72 -4.16
CA ARG B 256 -14.48 -4.54 -3.56
C ARG B 256 -14.46 -4.55 -2.02
N LYS B 257 -13.98 -3.46 -1.42
CA LYS B 257 -13.80 -3.35 0.05
C LYS B 257 -12.60 -4.12 0.58
N LEU B 258 -11.95 -4.92 -0.25
CA LEU B 258 -10.81 -5.71 0.19
C LEU B 258 -9.51 -4.93 0.24
N ARG B 259 -9.40 -3.87 -0.54
CA ARG B 259 -8.21 -3.02 -0.47
C ARG B 259 -8.63 -1.55 -0.57
N PRO B 260 -9.07 -0.99 0.56
CA PRO B 260 -9.50 0.41 0.60
C PRO B 260 -8.32 1.36 0.41
N GLY B 261 -8.61 2.61 0.06
CA GLY B 261 -7.57 3.60 -0.21
C GLY B 261 -7.36 3.73 -1.71
N THR B 262 -6.47 4.65 -2.10
CA THR B 262 -6.19 4.85 -3.51
C THR B 262 -4.80 4.28 -3.87
N LEU B 263 -4.78 3.27 -4.75
CA LEU B 263 -3.52 2.79 -5.35
C LEU B 263 -3.05 3.77 -6.44
N PRO B 264 -1.72 3.89 -6.62
CA PRO B 264 -1.22 4.72 -7.73
C PRO B 264 -1.53 4.09 -9.09
N VAL B 265 -2.36 4.78 -9.86
CA VAL B 265 -2.73 4.41 -11.23
C VAL B 265 -1.51 4.10 -12.15
N PRO B 266 -0.46 4.95 -12.15
CA PRO B 266 0.68 4.66 -13.02
C PRO B 266 1.31 3.29 -12.82
N LEU B 267 1.41 2.84 -11.57
CA LEU B 267 2.01 1.55 -11.24
C LEU B 267 1.13 0.37 -11.66
N ILE B 268 -0.18 0.51 -11.49
CA ILE B 268 -1.15 -0.48 -11.97
C ILE B 268 -1.02 -0.68 -13.48
N MET B 269 -0.95 0.43 -14.22
CA MET B 269 -0.77 0.38 -15.66
C MET B 269 0.60 -0.23 -16.04
N GLY B 270 1.60 0.00 -15.20
CA GLY B 270 2.92 -0.59 -15.40
C GLY B 270 2.91 -2.10 -15.18
N LEU B 271 2.10 -2.57 -14.23
CA LEU B 271 1.98 -3.98 -13.95
C LEU B 271 1.37 -4.72 -15.14
N ALA B 272 0.25 -4.19 -15.65
CA ALA B 272 -0.39 -4.77 -16.84
C ALA B 272 0.53 -4.76 -18.06
N GLU B 273 1.32 -3.70 -18.22
CA GLU B 273 2.26 -3.64 -19.34
C GLU B 273 3.38 -4.66 -19.16
N ALA B 274 3.87 -4.81 -17.93
CA ALA B 274 4.85 -5.85 -17.60
C ALA B 274 4.31 -7.25 -17.90
N ALA B 275 3.03 -7.48 -17.58
CA ALA B 275 2.38 -8.76 -17.84
C ALA B 275 2.23 -9.02 -19.34
N LYS B 276 1.80 -7.99 -20.07
CA LYS B 276 1.61 -8.10 -21.51
C LYS B 276 2.92 -8.47 -22.22
N ILE B 277 4.01 -7.79 -21.86
CA ILE B 277 5.34 -8.08 -22.38
C ILE B 277 5.77 -9.52 -22.08
N PHE B 278 5.55 -9.97 -20.85
CA PHE B 278 5.94 -11.31 -20.45
C PHE B 278 5.15 -12.39 -21.15
N GLU B 279 3.85 -12.20 -21.29
CA GLU B 279 3.01 -13.15 -22.02
C GLU B 279 3.48 -13.26 -23.48
N ALA B 280 3.66 -12.12 -24.16
CA ALA B 280 4.01 -12.09 -25.57
C ALA B 280 5.44 -12.55 -25.90
N GLU B 281 6.37 -12.33 -24.97
CA GLU B 281 7.79 -12.59 -25.23
C GLU B 281 8.35 -13.70 -24.35
N HIS B 282 7.46 -14.55 -23.85
CA HIS B 282 7.83 -15.67 -23.00
C HIS B 282 8.82 -16.65 -23.66
N ALA B 283 8.58 -17.01 -24.92
CA ALA B 283 9.44 -17.97 -25.60
C ALA B 283 10.88 -17.51 -25.70
N GLN B 284 11.08 -16.21 -25.96
CA GLN B 284 12.45 -15.68 -26.12
C GLN B 284 13.09 -15.41 -24.77
N TRP B 285 12.27 -15.10 -23.76
CA TRP B 285 12.75 -15.03 -22.39
C TRP B 285 13.23 -16.41 -21.91
N GLN B 286 12.44 -17.45 -22.21
CA GLN B 286 12.78 -18.83 -21.82
C GLN B 286 14.14 -19.24 -22.39
N VAL B 287 14.30 -19.03 -23.70
CA VAL B 287 15.51 -19.40 -24.42
C VAL B 287 16.75 -18.69 -23.85
N ALA B 288 16.71 -17.37 -23.81
CA ALA B 288 17.83 -16.58 -23.29
C ALA B 288 18.21 -17.00 -21.87
N ALA B 289 17.20 -17.24 -21.04
CA ALA B 289 17.43 -17.64 -19.65
C ALA B 289 18.06 -19.03 -19.53
N GLN B 290 17.54 -20.00 -20.30
CA GLN B 290 18.08 -21.35 -20.31
C GLN B 290 19.51 -21.37 -20.83
N ASP B 291 19.74 -20.70 -21.96
CA ASP B 291 21.06 -20.59 -22.55
C ASP B 291 22.08 -20.07 -21.53
N LEU B 292 21.74 -18.98 -20.86
CA LEU B 292 22.60 -18.42 -19.83
C LEU B 292 22.81 -19.42 -18.68
N ARG B 293 21.72 -20.01 -18.20
CA ARG B 293 21.78 -21.00 -17.12
C ARG B 293 22.85 -22.07 -17.36
N SER B 294 22.75 -22.76 -18.50
CA SER B 294 23.64 -23.88 -18.77
C SER B 294 25.09 -23.44 -19.02
N ARG B 295 25.27 -22.20 -19.46
CA ARG B 295 26.60 -21.60 -19.55
C ARG B 295 27.19 -21.33 -18.17
N LEU B 296 26.34 -20.92 -17.23
CA LEU B 296 26.77 -20.71 -15.85
C LEU B 296 27.01 -22.03 -15.15
N LEU B 297 26.16 -23.01 -15.42
CA LEU B 297 26.32 -24.34 -14.86
C LEU B 297 27.62 -24.99 -15.30
N ALA B 298 27.98 -24.77 -16.57
CA ALA B 298 29.24 -25.24 -17.12
C ALA B 298 30.47 -24.62 -16.46
N GLY B 299 30.39 -23.33 -16.14
CA GLY B 299 31.44 -22.63 -15.40
C GLY B 299 31.61 -23.17 -13.98
N LEU B 300 30.50 -23.52 -13.34
CA LEU B 300 30.50 -24.03 -11.96
C LEU B 300 30.99 -25.47 -11.82
N ALA B 301 30.91 -26.24 -12.90
CA ALA B 301 31.24 -27.67 -12.89
C ALA B 301 32.66 -27.94 -12.38
N SER B 302 33.55 -26.98 -12.58
CA SER B 302 34.94 -27.08 -12.16
C SER B 302 35.16 -26.72 -10.68
N THR B 303 34.11 -26.24 -10.01
CA THR B 303 34.22 -25.72 -8.65
C THR B 303 33.58 -26.64 -7.60
N SER B 304 33.65 -26.23 -6.33
CA SER B 304 33.11 -27.02 -5.22
C SER B 304 31.72 -26.56 -4.81
N PHE B 305 31.14 -25.64 -5.60
CA PHE B 305 29.76 -25.23 -5.38
C PHE B 305 28.83 -26.40 -5.69
N GLN B 306 27.72 -26.48 -4.95
CA GLN B 306 26.71 -27.50 -5.21
C GLN B 306 25.37 -26.87 -5.47
N VAL B 307 24.65 -27.42 -6.43
CA VAL B 307 23.34 -26.93 -6.79
C VAL B 307 22.30 -27.49 -5.81
N ASN B 308 21.46 -26.60 -5.28
CA ASN B 308 20.34 -27.00 -4.43
C ASN B 308 19.05 -27.08 -5.23
N GLY B 309 18.18 -28.01 -4.86
CA GLY B 309 16.86 -28.13 -5.49
C GLY B 309 16.83 -29.08 -6.67
N ASP B 310 15.67 -29.65 -6.92
CA ASP B 310 15.45 -30.57 -8.03
C ASP B 310 15.49 -29.80 -9.35
N GLN B 311 16.57 -30.01 -10.10
CA GLN B 311 16.80 -29.35 -11.39
C GLN B 311 15.84 -29.75 -12.54
N ASP B 312 14.98 -30.74 -12.28
CA ASP B 312 13.93 -31.14 -13.23
C ASP B 312 12.68 -30.26 -13.14
N HIS B 313 12.48 -29.60 -12.00
CA HIS B 313 11.28 -28.80 -11.78
C HIS B 313 11.65 -27.38 -11.33
N VAL B 314 12.36 -26.68 -12.20
CA VAL B 314 13.08 -25.48 -11.80
C VAL B 314 12.85 -24.37 -12.81
N VAL B 315 12.76 -23.16 -12.31
CA VAL B 315 12.58 -22.00 -13.17
C VAL B 315 13.97 -21.63 -13.71
N PRO B 316 14.06 -21.30 -15.01
CA PRO B 316 15.38 -21.24 -15.66
C PRO B 316 16.33 -20.12 -15.21
N HIS B 317 15.80 -19.11 -14.53
CA HIS B 317 16.55 -17.89 -14.24
C HIS B 317 17.03 -17.75 -12.78
N ILE B 318 16.76 -18.75 -11.95
CA ILE B 318 17.18 -18.73 -10.54
C ILE B 318 18.06 -19.94 -10.23
N LEU B 319 19.22 -19.70 -9.62
CA LEU B 319 20.12 -20.77 -9.20
C LEU B 319 20.51 -20.59 -7.74
N ASN B 320 20.18 -21.60 -6.94
CA ASN B 320 20.67 -21.63 -5.58
C ASN B 320 21.88 -22.54 -5.46
N LEU B 321 22.99 -21.95 -5.02
CA LEU B 321 24.25 -22.65 -4.90
C LEU B 321 24.72 -22.66 -3.47
N SER B 322 25.08 -23.84 -2.97
CA SER B 322 25.69 -23.98 -1.66
C SER B 322 27.19 -23.82 -1.81
N PHE B 323 27.81 -23.13 -0.85
CA PHE B 323 29.28 -22.95 -0.85
C PHE B 323 29.95 -23.46 0.43
N GLU B 324 29.40 -24.53 1.00
CA GLU B 324 29.95 -25.14 2.21
C GLU B 324 31.41 -25.57 2.06
N ASP B 325 31.76 -26.07 0.87
CA ASP B 325 33.11 -26.59 0.58
C ASP B 325 33.98 -25.58 -0.16
N VAL B 326 33.47 -24.37 -0.34
CA VAL B 326 34.18 -23.34 -1.08
C VAL B 326 34.86 -22.38 -0.11
N ASP B 327 36.19 -22.30 -0.19
CA ASP B 327 36.94 -21.31 0.55
C ASP B 327 36.65 -19.91 -0.01
N ALA B 328 36.93 -18.88 0.79
CA ALA B 328 36.51 -17.52 0.51
C ALA B 328 37.13 -16.93 -0.76
N GLU B 329 38.41 -17.19 -0.99
CA GLU B 329 39.06 -16.67 -2.19
C GLU B 329 38.45 -17.23 -3.47
N ALA B 330 38.10 -18.51 -3.46
CA ALA B 330 37.46 -19.17 -4.59
C ALA B 330 36.04 -18.65 -4.82
N PHE B 331 35.35 -18.36 -3.73
CA PHE B 331 34.01 -17.79 -3.76
C PHE B 331 34.02 -16.48 -4.54
N LEU B 332 34.97 -15.60 -4.21
CA LEU B 332 35.11 -14.30 -4.87
C LEU B 332 35.39 -14.43 -6.38
N VAL B 333 36.41 -15.23 -6.73
CA VAL B 333 36.75 -15.53 -8.13
C VAL B 333 35.53 -16.04 -8.91
N THR B 334 34.85 -17.06 -8.39
CA THR B 334 33.69 -17.66 -9.04
C THR B 334 32.57 -16.64 -9.26
N LEU B 335 32.29 -15.85 -8.24
CA LEU B 335 31.25 -14.82 -8.32
C LEU B 335 31.55 -13.76 -9.39
N LYS B 336 32.82 -13.35 -9.47
CA LYS B 336 33.26 -12.43 -10.52
C LYS B 336 33.01 -13.06 -11.90
N ASP B 337 33.34 -14.35 -12.03
CA ASP B 337 33.16 -15.11 -13.27
C ASP B 337 31.70 -15.37 -13.64
N LEU B 338 30.81 -15.48 -12.66
CA LEU B 338 29.40 -15.65 -12.93
C LEU B 338 28.82 -14.36 -13.50
N VAL B 339 29.11 -13.24 -12.83
CA VAL B 339 28.66 -11.93 -13.28
C VAL B 339 29.17 -11.63 -14.70
N ALA B 340 30.44 -11.97 -14.95
CA ALA B 340 31.07 -11.76 -16.25
C ALA B 340 30.43 -12.59 -17.38
N VAL B 341 30.13 -13.85 -17.08
CA VAL B 341 29.52 -14.76 -18.06
C VAL B 341 28.12 -14.26 -18.44
N ALA B 342 27.48 -13.56 -17.52
CA ALA B 342 26.15 -13.02 -17.73
C ALA B 342 26.16 -11.63 -18.36
N THR B 343 27.33 -11.01 -18.44
CA THR B 343 27.45 -9.64 -18.91
C THR B 343 27.22 -9.53 -20.43
N GLY B 344 26.16 -8.81 -20.80
CA GLY B 344 25.82 -8.59 -22.22
C GLY B 344 24.77 -9.55 -22.74
N SER B 345 24.21 -10.35 -21.83
CA SER B 345 23.11 -11.27 -22.14
C SER B 345 21.98 -10.99 -21.16
N ALA B 346 22.35 -10.61 -19.94
CA ALA B 346 21.41 -10.45 -18.82
C ALA B 346 21.99 -9.58 -17.71
N SER B 347 21.12 -9.15 -16.80
CA SER B 347 21.51 -8.47 -15.56
C SER B 347 21.38 -9.45 -14.39
N THR B 348 22.32 -9.38 -13.46
CA THR B 348 22.41 -10.36 -12.38
C THR B 348 22.02 -9.84 -11.00
N SER B 349 21.77 -10.78 -10.11
CA SER B 349 21.51 -10.51 -8.70
C SER B 349 22.06 -11.65 -7.83
N ALA B 350 22.80 -11.29 -6.80
CA ALA B 350 23.30 -12.25 -5.81
C ALA B 350 22.79 -11.89 -4.41
N SER B 351 22.31 -12.90 -3.68
CA SER B 351 21.88 -12.70 -2.30
C SER B 351 22.06 -13.97 -1.47
N PHE B 352 22.42 -13.77 -0.20
CA PHE B 352 22.48 -14.87 0.75
C PHE B 352 21.07 -15.35 1.09
N THR B 353 20.90 -16.67 1.10
CA THR B 353 19.61 -17.28 1.41
C THR B 353 19.49 -17.41 2.93
N PRO B 354 18.33 -17.02 3.50
CA PRO B 354 18.09 -17.26 4.92
C PRO B 354 18.11 -18.77 5.21
N SER B 355 18.78 -19.15 6.29
CA SER B 355 19.03 -20.55 6.61
C SER B 355 17.78 -21.41 6.76
N HIS B 356 16.66 -20.81 7.16
CA HIS B 356 15.45 -21.58 7.44
C HIS B 356 14.95 -22.39 6.25
N VAL B 357 15.05 -21.82 5.04
CA VAL B 357 14.61 -22.46 3.81
C VAL B 357 15.34 -23.77 3.57
N LEU B 358 16.65 -23.75 3.75
CA LEU B 358 17.49 -24.91 3.48
C LEU B 358 17.42 -25.94 4.60
N ARG B 359 17.22 -25.50 5.83
CA ARG B 359 16.92 -26.42 6.93
C ARG B 359 15.65 -27.22 6.64
N ALA B 360 14.64 -26.55 6.09
CA ALA B 360 13.39 -27.22 5.71
C ALA B 360 13.61 -28.17 4.53
N MET B 361 14.75 -28.03 3.86
CA MET B 361 15.14 -28.94 2.79
C MET B 361 16.06 -30.05 3.28
N GLY B 362 16.14 -30.21 4.61
CA GLY B 362 16.92 -31.28 5.24
C GLY B 362 18.44 -31.13 5.24
N LEU B 363 18.93 -29.94 4.89
CA LEU B 363 20.37 -29.71 4.87
C LEU B 363 20.92 -29.45 6.28
N PRO B 364 22.12 -30.00 6.59
CA PRO B 364 22.72 -29.71 7.90
C PRO B 364 23.14 -28.24 8.01
N GLU B 365 23.01 -27.68 9.21
CA GLU B 365 23.20 -26.25 9.47
C GLU B 365 24.49 -25.66 8.88
N GLU B 366 25.56 -26.44 8.88
CA GLU B 366 26.84 -26.02 8.28
C GLU B 366 26.69 -25.58 6.81
N ALA B 367 25.70 -26.14 6.11
CA ALA B 367 25.43 -25.81 4.71
C ALA B 367 24.23 -24.89 4.54
N ALA B 368 23.24 -25.03 5.42
CA ALA B 368 22.05 -24.17 5.40
C ALA B 368 22.39 -22.68 5.48
N SER B 369 23.43 -22.35 6.24
CA SER B 369 23.91 -20.97 6.37
C SER B 369 25.00 -20.62 5.34
N LYS B 370 25.23 -21.50 4.37
CA LYS B 370 26.23 -21.27 3.33
C LYS B 370 25.63 -21.42 1.94
N SER B 371 24.59 -20.64 1.67
CA SER B 371 23.90 -20.72 0.37
C SER B 371 23.72 -19.37 -0.29
N LEU B 372 23.88 -19.38 -1.60
CA LEU B 372 23.84 -18.18 -2.40
C LEU B 372 22.74 -18.32 -3.45
N ARG B 373 21.86 -17.33 -3.47
CA ARG B 373 20.84 -17.24 -4.49
C ARG B 373 21.38 -16.34 -5.60
N PHE B 374 21.41 -16.88 -6.82
CA PHE B 374 21.91 -16.16 -7.99
C PHE B 374 20.85 -16.14 -9.07
N SER B 375 20.49 -14.92 -9.47
CA SER B 375 19.38 -14.73 -10.39
C SER B 375 19.80 -13.84 -11.55
N TRP B 376 19.16 -14.04 -12.70
CA TRP B 376 19.41 -13.18 -13.85
C TRP B 376 18.13 -12.85 -14.62
N THR B 377 18.14 -11.70 -15.26
CA THR B 377 17.01 -11.21 -16.04
C THR B 377 17.53 -10.73 -17.39
N PRO B 378 17.28 -11.51 -18.46
CA PRO B 378 17.79 -11.24 -19.82
C PRO B 378 17.40 -9.87 -20.36
N GLY B 379 18.30 -9.26 -21.13
CA GLY B 379 18.08 -7.92 -21.68
C GLY B 379 17.53 -7.92 -23.10
#